data_3I3W
#
_entry.id   3I3W
#
_cell.length_a   104.430
_cell.length_b   206.680
_cell.length_c   44.760
_cell.angle_alpha   90.00
_cell.angle_beta   90.00
_cell.angle_gamma   90.00
#
_symmetry.space_group_name_H-M   'P 21 21 2'
#
loop_
_entity.id
_entity.type
_entity.pdbx_description
1 polymer 'Phosphoglucosamine mutase'
2 non-polymer 'ZINC ION'
3 water water
#
_entity_poly.entity_id   1
_entity_poly.type   'polypeptide(L)'
_entity_poly.pdbx_seq_one_letter_code
;(MSE)AKYFGTDGIRGEVANSTITVEFTQKLGNAVGSLINQKNYPKFVIVGQDTRSSGGFLKFALVSGLNAAGIDVLDLG
VVPTPVVAF(MSE)TVKHRAAAGFVITA(SEP)HNKFTDNGIKLFSSNGFKLDDALEEEVED(MSE)IDGDFIYQPQFKF
GSYKILANAIDEYIESIYSRFAKFVNYKGKVVVDCAHGAASHNFEALLDKFGINYVSIASNPDGLNINVGCGATCVSNIK
KAVKEQKADLGISLDGDADRIIIVDENGQEIDGDGILNILAQYSDICGGTNGIVGTQ(MSE)TN(MSE)SYENHYRANKI
PFIRSKVGDRYVLEDLVKYGYKIGGESSGHVINLNFGTTGDGLFTAIQLLAIFSQADKPVSEFKLQGEL(MSE)QQTLIN
VPLTKKVAREDLQKVASDVNDVEKRLGNRGRVLLRPSGTEPVLRV(MSE)VEADDKSLATNEAEYLVEKVKQKLV
;
_entity_poly.pdbx_strand_id   A,B
#
loop_
_chem_comp.id
_chem_comp.type
_chem_comp.name
_chem_comp.formula
ZN non-polymer 'ZINC ION' 'Zn 2'
#
# COMPACT_ATOMS: atom_id res chain seq x y z
N LYS A 3 -19.17 -13.36 -12.48
CA LYS A 3 -17.88 -13.62 -13.21
C LYS A 3 -17.07 -12.34 -13.37
N TYR A 4 -15.76 -12.44 -13.17
CA TYR A 4 -14.88 -11.27 -13.19
C TYR A 4 -13.79 -11.39 -14.25
N PHE A 5 -13.37 -12.62 -14.53
CA PHE A 5 -12.42 -12.86 -15.61
C PHE A 5 -13.19 -12.85 -16.94
N GLY A 6 -12.79 -11.97 -17.84
CA GLY A 6 -13.44 -11.85 -19.14
C GLY A 6 -12.49 -12.14 -20.28
N THR A 7 -12.86 -11.68 -21.47
CA THR A 7 -12.03 -11.82 -22.66
C THR A 7 -10.60 -11.41 -22.33
N ASP A 8 -10.47 -10.32 -21.59
CA ASP A 8 -9.16 -9.80 -21.21
C ASP A 8 -8.72 -10.23 -19.81
N GLY A 9 -9.64 -10.80 -19.04
CA GLY A 9 -9.34 -11.33 -17.72
C GLY A 9 -9.05 -10.29 -16.65
N ILE A 10 -10.13 -9.70 -16.10
CA ILE A 10 -10.03 -8.62 -15.11
C ILE A 10 -9.35 -7.38 -15.68
N ARG A 11 -10.14 -6.60 -16.39
CA ARG A 11 -9.68 -5.41 -17.06
C ARG A 11 -10.92 -4.59 -17.38
N GLY A 12 -10.82 -3.28 -17.23
CA GLY A 12 -11.92 -2.39 -17.51
C GLY A 12 -11.63 -0.96 -17.11
N GLU A 13 -12.61 -0.09 -17.34
CA GLU A 13 -12.49 1.33 -17.00
C GLU A 13 -12.37 1.49 -15.49
N VAL A 14 -11.48 2.38 -15.08
CA VAL A 14 -11.21 2.63 -13.66
C VAL A 14 -12.40 3.29 -12.97
N ALA A 15 -12.84 2.66 -11.87
CA ALA A 15 -13.99 3.13 -11.10
C ALA A 15 -15.29 2.70 -11.77
N ASN A 16 -15.49 3.17 -13.00
CA ASN A 16 -16.70 2.89 -13.77
C ASN A 16 -16.77 1.46 -14.30
N SER A 17 -16.26 0.51 -13.51
CA SER A 17 -16.26 -0.90 -13.89
C SER A 17 -16.12 -1.78 -12.66
N THR A 18 -15.71 -3.02 -12.88
CA THR A 18 -15.40 -3.98 -11.81
C THR A 18 -14.03 -3.71 -11.19
N ILE A 19 -13.31 -2.73 -11.74
CA ILE A 19 -11.97 -2.39 -11.31
C ILE A 19 -11.99 -1.17 -10.39
N THR A 20 -12.38 -1.44 -9.15
CA THR A 20 -12.50 -0.44 -8.10
C THR A 20 -11.47 -0.77 -7.03
N VAL A 21 -11.32 0.09 -6.03
CA VAL A 21 -10.39 -0.19 -4.94
C VAL A 21 -10.89 -1.35 -4.09
N GLU A 22 -12.20 -1.39 -3.87
CA GLU A 22 -12.80 -2.44 -3.04
C GLU A 22 -12.65 -3.82 -3.68
N PHE A 23 -12.98 -3.94 -4.96
CA PHE A 23 -12.88 -5.24 -5.64
C PHE A 23 -11.45 -5.76 -5.62
N THR A 24 -10.52 -4.88 -5.98
CA THR A 24 -9.10 -5.23 -6.01
C THR A 24 -8.63 -5.65 -4.62
N GLN A 25 -9.22 -5.06 -3.59
CA GLN A 25 -8.90 -5.40 -2.21
C GLN A 25 -9.39 -6.80 -1.88
N LYS A 26 -10.58 -7.13 -2.34
CA LYS A 26 -11.17 -8.46 -2.10
C LYS A 26 -10.42 -9.53 -2.91
N LEU A 27 -9.94 -9.15 -4.09
CA LEU A 27 -9.18 -10.05 -4.95
C LEU A 27 -7.85 -10.41 -4.33
N GLY A 28 -7.11 -9.41 -3.86
CA GLY A 28 -5.83 -9.64 -3.19
C GLY A 28 -6.00 -10.65 -2.08
N ASN A 29 -6.97 -10.40 -1.22
CA ASN A 29 -7.25 -11.28 -0.10
C ASN A 29 -7.61 -12.69 -0.55
N ALA A 30 -8.59 -12.77 -1.47
CA ALA A 30 -9.06 -14.02 -2.06
C ALA A 30 -7.94 -14.97 -2.46
N VAL A 31 -6.98 -14.46 -3.21
CA VAL A 31 -5.82 -15.23 -3.64
C VAL A 31 -4.97 -15.60 -2.43
N GLY A 32 -4.89 -14.70 -1.46
CA GLY A 32 -4.21 -14.98 -0.20
C GLY A 32 -4.83 -16.20 0.46
N SER A 33 -6.15 -16.22 0.57
CA SER A 33 -6.87 -17.37 1.14
C SER A 33 -6.58 -18.67 0.39
N LEU A 34 -6.49 -18.60 -0.93
CA LEU A 34 -6.22 -19.77 -1.76
C LEU A 34 -4.81 -20.29 -1.51
N ILE A 35 -3.88 -19.35 -1.34
CA ILE A 35 -2.50 -19.67 -1.01
C ILE A 35 -2.42 -20.38 0.34
N ASN A 36 -3.10 -19.83 1.35
CA ASN A 36 -3.19 -20.48 2.65
C ASN A 36 -3.86 -21.85 2.55
N GLN A 37 -4.95 -21.91 1.79
CA GLN A 37 -5.71 -23.15 1.61
C GLN A 37 -4.87 -24.26 0.96
N LYS A 38 -4.04 -23.88 0.00
CA LYS A 38 -3.19 -24.83 -0.72
C LYS A 38 -1.86 -25.08 -0.04
N ASN A 39 -1.64 -24.40 1.08
CA ASN A 39 -0.40 -24.50 1.85
C ASN A 39 0.83 -24.09 1.03
N TYR A 40 0.67 -23.07 0.18
CA TYR A 40 1.77 -22.54 -0.63
C TYR A 40 2.63 -21.56 0.16
N PRO A 41 3.78 -21.14 -0.41
CA PRO A 41 4.61 -20.12 0.26
C PRO A 41 3.82 -18.84 0.43
N LYS A 42 3.85 -18.28 1.64
CA LYS A 42 3.08 -17.07 1.95
C LYS A 42 3.79 -15.82 1.42
N PHE A 43 4.01 -15.80 0.10
CA PHE A 43 4.86 -14.81 -0.54
C PHE A 43 4.48 -14.65 -2.01
N VAL A 44 4.26 -13.40 -2.43
CA VAL A 44 3.90 -13.10 -3.83
C VAL A 44 4.68 -11.91 -4.40
N ILE A 45 4.82 -11.93 -5.73
CA ILE A 45 5.56 -10.89 -6.44
C ILE A 45 4.57 -9.94 -7.08
N VAL A 46 4.84 -8.65 -6.97
CA VAL A 46 3.95 -7.64 -7.54
C VAL A 46 4.71 -6.64 -8.41
N GLY A 47 4.10 -6.27 -9.54
CA GLY A 47 4.65 -5.31 -10.48
C GLY A 47 3.53 -4.57 -11.20
N GLN A 48 3.88 -3.53 -11.95
CA GLN A 48 2.88 -2.68 -12.62
C GLN A 48 3.41 -1.97 -13.87
N ASP A 49 2.48 -1.50 -14.72
CA ASP A 49 2.86 -0.61 -15.81
C ASP A 49 2.83 0.85 -15.35
N THR A 50 2.86 1.79 -16.30
CA THR A 50 3.00 3.22 -16.00
C THR A 50 1.73 4.00 -15.65
N ARG A 51 0.56 3.36 -15.77
CA ARG A 51 -0.71 4.02 -15.48
C ARG A 51 -0.67 4.62 -14.08
N SER A 52 -1.18 5.84 -13.93
CA SER A 52 -1.15 6.52 -12.63
C SER A 52 -2.10 5.85 -11.64
N SER A 53 -3.08 5.13 -12.18
CA SER A 53 -4.05 4.42 -11.38
C SER A 53 -3.51 3.09 -10.84
N GLY A 54 -2.31 2.72 -11.25
CA GLY A 54 -1.74 1.45 -10.84
C GLY A 54 -1.34 1.44 -9.38
N GLY A 55 -0.79 2.56 -8.92
CA GLY A 55 -0.34 2.72 -7.55
C GLY A 55 -1.42 2.40 -6.52
N PHE A 56 -2.56 3.07 -6.62
CA PHE A 56 -3.62 2.91 -5.62
C PHE A 56 -4.33 1.57 -5.66
N LEU A 57 -4.46 1.02 -6.87
CA LEU A 57 -5.07 -0.29 -7.07
C LEU A 57 -4.16 -1.36 -6.49
N LYS A 58 -2.86 -1.18 -6.67
CA LYS A 58 -1.84 -2.07 -6.12
C LYS A 58 -1.93 -2.09 -4.62
N PHE A 59 -1.97 -0.91 -4.00
CA PHE A 59 -2.02 -0.83 -2.55
C PHE A 59 -3.32 -1.39 -1.98
N ALA A 60 -4.39 -1.29 -2.74
CA ALA A 60 -5.62 -1.95 -2.39
C ALA A 60 -5.36 -3.45 -2.39
N LEU A 61 -4.68 -3.96 -3.43
CA LEU A 61 -4.47 -5.39 -3.57
C LEU A 61 -3.64 -5.89 -2.40
N VAL A 62 -2.58 -5.13 -2.14
CA VAL A 62 -1.62 -5.45 -1.11
C VAL A 62 -2.22 -5.48 0.28
N SER A 63 -3.11 -4.54 0.58
CA SER A 63 -3.75 -4.54 1.89
C SER A 63 -4.54 -5.83 2.08
N GLY A 64 -5.12 -6.33 0.99
CA GLY A 64 -5.92 -7.56 1.03
C GLY A 64 -5.04 -8.79 1.21
N LEU A 65 -3.88 -8.79 0.56
CA LEU A 65 -2.94 -9.90 0.64
C LEU A 65 -2.33 -9.95 2.04
N ASN A 66 -1.77 -8.82 2.48
CA ASN A 66 -1.23 -8.71 3.83
C ASN A 66 -2.25 -9.21 4.86
N ALA A 67 -3.48 -8.71 4.78
CA ALA A 67 -4.53 -9.13 5.70
C ALA A 67 -4.67 -10.66 5.76
N ALA A 68 -4.49 -11.33 4.62
CA ALA A 68 -4.59 -12.79 4.52
C ALA A 68 -3.36 -13.51 5.08
N GLY A 69 -2.27 -12.78 5.31
CA GLY A 69 -1.04 -13.33 5.87
C GLY A 69 0.09 -13.47 4.87
N ILE A 70 -0.06 -12.80 3.72
CA ILE A 70 0.87 -12.96 2.61
C ILE A 70 1.86 -11.80 2.49
N ASP A 71 3.15 -12.14 2.39
CA ASP A 71 4.16 -11.13 2.16
C ASP A 71 4.12 -10.70 0.71
N VAL A 72 4.56 -9.48 0.44
CA VAL A 72 4.54 -8.95 -0.91
C VAL A 72 5.89 -8.33 -1.26
N LEU A 73 6.49 -8.80 -2.36
CA LEU A 73 7.70 -8.18 -2.91
C LEU A 73 7.29 -7.36 -4.12
N ASP A 74 7.54 -6.05 -4.04
CA ASP A 74 7.09 -5.12 -5.07
C ASP A 74 8.25 -4.77 -5.98
N LEU A 75 8.11 -5.04 -7.26
CA LEU A 75 9.16 -4.76 -8.24
C LEU A 75 8.96 -3.41 -8.91
N GLY A 76 7.91 -2.69 -8.52
CA GLY A 76 7.61 -1.38 -9.12
C GLY A 76 7.15 -1.49 -10.56
N VAL A 77 7.63 -0.55 -11.40
CA VAL A 77 7.26 -0.50 -12.80
C VAL A 77 8.16 -1.41 -13.62
N VAL A 78 7.59 -2.51 -14.10
CA VAL A 78 8.31 -3.50 -14.89
C VAL A 78 7.33 -4.20 -15.82
N PRO A 79 7.83 -4.70 -16.95
CA PRO A 79 7.05 -5.50 -17.90
C PRO A 79 6.43 -6.73 -17.26
N THR A 80 5.29 -7.15 -17.80
CA THR A 80 4.58 -8.35 -17.34
C THR A 80 5.48 -9.59 -17.26
N PRO A 81 6.26 -9.87 -18.32
CA PRO A 81 7.16 -11.02 -18.32
C PRO A 81 8.15 -11.02 -17.14
N VAL A 82 8.50 -9.84 -16.65
CA VAL A 82 9.43 -9.71 -15.53
C VAL A 82 8.81 -10.27 -14.24
N VAL A 83 7.57 -9.90 -13.96
CA VAL A 83 6.85 -10.45 -12.82
C VAL A 83 6.79 -11.99 -12.86
N ALA A 84 6.56 -12.56 -14.04
CA ALA A 84 6.52 -14.02 -14.21
C ALA A 84 7.90 -14.66 -13.99
N PHE A 85 8.93 -13.98 -14.51
CA PHE A 85 10.31 -14.44 -14.33
C PHE A 85 10.63 -14.56 -12.85
N MSE A 86 10.25 -13.53 -12.09
CA MSE A 86 10.56 -13.44 -10.67
C MSE A 86 9.70 -14.40 -9.84
O MSE A 86 10.17 -14.98 -8.86
CB MSE A 86 10.40 -12.00 -10.20
CG MSE A 86 11.38 -11.06 -10.91
SE MSE A 86 13.23 -11.39 -10.34
CE MSE A 86 13.10 -10.49 -8.60
N THR A 87 8.45 -14.56 -10.26
CA THR A 87 7.56 -15.53 -9.65
C THR A 87 8.15 -16.93 -9.76
N VAL A 88 8.59 -17.30 -10.97
CA VAL A 88 9.18 -18.62 -11.20
C VAL A 88 10.56 -18.80 -10.56
N LYS A 89 11.42 -17.79 -10.67
CA LYS A 89 12.78 -17.89 -10.16
C LYS A 89 12.76 -18.04 -8.65
N HIS A 90 12.12 -17.09 -7.99
CA HIS A 90 11.98 -17.15 -6.54
C HIS A 90 10.83 -18.07 -6.18
N ARG A 91 10.75 -18.44 -4.91
CA ARG A 91 9.75 -19.40 -4.52
C ARG A 91 8.47 -18.74 -4.02
N ALA A 92 7.86 -17.98 -4.93
CA ALA A 92 6.61 -17.26 -4.70
C ALA A 92 5.42 -18.15 -5.08
N ALA A 93 4.27 -17.87 -4.48
CA ALA A 93 3.06 -18.66 -4.75
C ALA A 93 2.27 -18.09 -5.92
N ALA A 94 2.47 -16.81 -6.19
CA ALA A 94 1.81 -16.13 -7.31
C ALA A 94 2.53 -14.83 -7.70
N GLY A 95 2.17 -14.30 -8.86
CA GLY A 95 2.69 -13.04 -9.35
C GLY A 95 1.51 -12.22 -9.86
N PHE A 96 1.49 -10.94 -9.49
CA PHE A 96 0.44 -10.01 -9.91
C PHE A 96 1.02 -8.91 -10.78
N VAL A 97 0.27 -8.53 -11.81
CA VAL A 97 0.62 -7.37 -12.61
C VAL A 97 -0.56 -6.42 -12.64
N ILE A 98 -0.34 -5.18 -12.22
CA ILE A 98 -1.37 -4.15 -12.33
C ILE A 98 -1.21 -3.50 -13.70
N THR A 99 -2.04 -3.93 -14.64
CA THR A 99 -1.94 -3.47 -16.01
C THR A 99 -3.21 -3.76 -16.79
N ALA A 100 -3.48 -2.92 -17.79
CA ALA A 100 -4.57 -3.17 -18.74
C ALA A 100 -3.93 -3.35 -20.12
N SEP A 101 -2.65 -3.71 -20.10
CA SEP A 101 -1.94 -4.14 -21.30
CB SEP A 101 -2.55 -5.47 -21.78
OG SEP A 101 -1.76 -6.10 -22.76
C SEP A 101 -1.94 -3.08 -22.41
O SEP A 101 -1.34 -2.01 -22.25
P SEP A 101 -2.62 -7.23 -23.53
O1P SEP A 101 -3.95 -6.57 -24.16
O2P SEP A 101 -3.07 -8.39 -22.51
O3P SEP A 101 -1.70 -7.84 -24.71
N HIS A 102 -2.63 -3.36 -23.51
CA HIS A 102 -2.66 -2.42 -24.63
C HIS A 102 -3.84 -1.44 -24.57
N ASN A 103 -4.76 -1.66 -23.64
CA ASN A 103 -5.93 -0.79 -23.50
C ASN A 103 -5.58 0.67 -23.27
N LYS A 104 -6.50 1.55 -23.67
CA LYS A 104 -6.40 2.99 -23.47
C LYS A 104 -6.00 3.32 -22.03
N PHE A 105 -5.34 4.47 -21.86
CA PHE A 105 -4.79 4.90 -20.57
C PHE A 105 -5.80 4.96 -19.41
N THR A 106 -7.09 5.01 -19.74
CA THR A 106 -8.16 5.11 -18.74
C THR A 106 -8.55 3.77 -18.13
N ASP A 107 -8.08 2.68 -18.72
CA ASP A 107 -8.38 1.35 -18.23
C ASP A 107 -7.26 0.88 -17.30
N ASN A 108 -7.56 -0.17 -16.54
CA ASN A 108 -6.52 -0.88 -15.80
C ASN A 108 -7.04 -2.27 -15.47
N GLY A 109 -6.26 -3.02 -14.72
CA GLY A 109 -6.63 -4.40 -14.40
C GLY A 109 -5.49 -5.14 -13.74
N ILE A 110 -5.68 -6.45 -13.57
CA ILE A 110 -4.71 -7.30 -12.91
C ILE A 110 -4.50 -8.57 -13.75
N LYS A 111 -3.25 -8.90 -14.02
CA LYS A 111 -2.94 -10.21 -14.61
C LYS A 111 -2.37 -11.09 -13.50
N LEU A 112 -2.70 -12.38 -13.53
CA LEU A 112 -2.28 -13.31 -12.48
C LEU A 112 -1.46 -14.47 -13.03
N PHE A 113 -0.39 -14.83 -12.31
CA PHE A 113 0.44 -15.97 -12.67
C PHE A 113 0.55 -16.92 -11.48
N SER A 114 0.51 -18.21 -11.75
CA SER A 114 0.69 -19.21 -10.72
C SER A 114 2.17 -19.33 -10.36
N SER A 115 2.51 -20.18 -9.40
CA SER A 115 3.90 -20.34 -8.97
C SER A 115 4.80 -20.84 -10.09
N ASN A 116 4.23 -21.57 -11.05
CA ASN A 116 4.98 -22.06 -12.20
C ASN A 116 5.21 -20.98 -13.26
N GLY A 117 4.70 -19.77 -12.98
CA GLY A 117 4.91 -18.62 -13.86
C GLY A 117 3.97 -18.53 -15.05
N PHE A 118 2.97 -19.41 -15.08
CA PHE A 118 2.00 -19.41 -16.16
C PHE A 118 0.74 -18.68 -15.75
N LYS A 119 0.07 -18.09 -16.74
CA LYS A 119 -1.18 -17.36 -16.54
C LYS A 119 -2.24 -18.32 -16.00
N LEU A 120 -2.93 -17.92 -14.93
CA LEU A 120 -3.98 -18.77 -14.35
C LEU A 120 -4.90 -19.37 -15.41
N ASP A 121 -5.17 -20.66 -15.31
CA ASP A 121 -6.09 -21.31 -16.25
C ASP A 121 -7.55 -21.11 -15.83
N ASP A 122 -8.47 -21.66 -16.60
CA ASP A 122 -9.91 -21.52 -16.35
C ASP A 122 -10.33 -22.01 -14.96
N ALA A 123 -9.84 -23.18 -14.56
CA ALA A 123 -10.17 -23.78 -13.27
C ALA A 123 -9.67 -22.96 -12.09
N LEU A 124 -8.45 -22.43 -12.18
CA LEU A 124 -7.91 -21.58 -11.12
C LEU A 124 -8.66 -20.25 -11.01
N GLU A 125 -9.08 -19.71 -12.15
CA GLU A 125 -9.86 -18.46 -12.17
C GLU A 125 -11.14 -18.61 -11.37
N GLU A 126 -11.88 -19.70 -11.60
CA GLU A 126 -13.12 -20.01 -10.88
C GLU A 126 -12.93 -20.06 -9.36
N GLU A 127 -11.84 -20.67 -8.92
CA GLU A 127 -11.57 -20.76 -7.48
C GLU A 127 -11.52 -19.37 -6.88
N VAL A 128 -10.75 -18.49 -7.53
CA VAL A 128 -10.63 -17.09 -7.13
C VAL A 128 -12.01 -16.43 -7.05
N GLU A 129 -12.80 -16.58 -8.11
CA GLU A 129 -14.13 -15.98 -8.17
C GLU A 129 -15.02 -16.46 -7.03
N ASP A 130 -14.88 -17.73 -6.67
CA ASP A 130 -15.66 -18.31 -5.57
C ASP A 130 -15.16 -17.78 -4.24
N MSE A 131 -13.85 -17.54 -4.17
CA MSE A 131 -13.24 -16.99 -2.96
C MSE A 131 -13.68 -15.54 -2.75
O MSE A 131 -14.14 -15.17 -1.66
CB MSE A 131 -11.71 -17.11 -3.03
CG MSE A 131 -11.02 -17.02 -1.69
SE MSE A 131 -11.56 -18.44 -0.47
CE MSE A 131 -10.52 -19.92 -1.19
N ILE A 132 -13.56 -14.73 -3.81
CA ILE A 132 -14.01 -13.34 -3.81
C ILE A 132 -15.45 -13.20 -3.28
N ASP A 133 -16.33 -14.10 -3.68
CA ASP A 133 -17.71 -14.02 -3.28
C ASP A 133 -17.85 -14.45 -1.84
N GLY A 134 -16.78 -14.96 -1.28
CA GLY A 134 -16.73 -15.30 0.11
C GLY A 134 -16.80 -14.06 0.95
N ASP A 135 -16.60 -14.21 2.24
CA ASP A 135 -16.41 -13.09 3.12
C ASP A 135 -14.90 -12.71 3.03
N PHE A 136 -14.51 -11.55 3.54
CA PHE A 136 -13.11 -11.11 3.59
C PHE A 136 -12.42 -11.74 4.79
N ILE A 137 -11.34 -12.44 4.56
CA ILE A 137 -10.73 -13.29 5.62
C ILE A 137 -9.42 -12.78 6.19
N TYR A 138 -9.39 -12.63 7.51
CA TYR A 138 -8.20 -12.17 8.24
C TYR A 138 -7.36 -13.34 8.78
N GLN A 139 -6.05 -13.28 8.59
CA GLN A 139 -5.16 -14.35 9.07
C GLN A 139 -5.46 -14.65 10.53
N PRO A 140 -5.98 -15.86 10.82
CA PRO A 140 -6.54 -16.26 12.13
C PRO A 140 -5.56 -16.24 13.31
N GLN A 141 -4.27 -16.30 13.03
CA GLN A 141 -3.24 -16.29 14.08
C GLN A 141 -2.57 -14.93 14.16
N PHE A 142 -3.23 -13.91 13.60
CA PHE A 142 -2.70 -12.55 13.55
C PHE A 142 -1.32 -12.43 12.91
N LYS A 143 -1.04 -13.33 11.96
CA LYS A 143 0.22 -13.36 11.24
C LYS A 143 0.08 -12.64 9.91
N PHE A 144 0.16 -11.31 9.95
CA PHE A 144 -0.11 -10.52 8.76
C PHE A 144 1.10 -10.28 7.88
N GLY A 145 0.86 -10.13 6.58
CA GLY A 145 1.94 -9.96 5.61
C GLY A 145 2.67 -8.63 5.66
N SER A 146 3.92 -8.67 5.20
CA SER A 146 4.74 -7.48 5.07
C SER A 146 4.77 -7.03 3.61
N TYR A 147 5.34 -5.86 3.37
CA TYR A 147 5.48 -5.31 2.03
C TYR A 147 6.90 -4.78 1.90
N LYS A 148 7.62 -5.24 0.88
CA LYS A 148 8.96 -4.76 0.61
C LYS A 148 9.06 -4.38 -0.86
N ILE A 149 9.86 -3.35 -1.13
CA ILE A 149 10.16 -2.91 -2.48
C ILE A 149 11.52 -3.46 -2.81
N LEU A 150 11.64 -4.16 -3.92
CA LEU A 150 12.94 -4.69 -4.34
C LEU A 150 13.74 -3.62 -5.08
N ALA A 151 14.94 -3.35 -4.59
CA ALA A 151 15.79 -2.38 -5.26
C ALA A 151 16.32 -2.94 -6.59
N ASN A 152 16.48 -2.07 -7.59
CA ASN A 152 17.03 -2.46 -8.89
C ASN A 152 16.32 -3.74 -9.34
N ALA A 153 14.99 -3.68 -9.28
CA ALA A 153 14.15 -4.86 -9.46
C ALA A 153 14.40 -5.67 -10.73
N ILE A 154 14.80 -4.98 -11.81
CA ILE A 154 14.90 -5.62 -13.12
C ILE A 154 16.26 -6.25 -13.41
N ASP A 155 17.24 -6.01 -12.55
CA ASP A 155 18.58 -6.52 -12.76
C ASP A 155 18.68 -8.02 -13.03
N GLU A 156 17.96 -8.84 -12.26
CA GLU A 156 18.03 -10.30 -12.45
C GLU A 156 17.52 -10.71 -13.81
N TYR A 157 16.42 -10.10 -14.22
CA TYR A 157 15.84 -10.36 -15.52
C TYR A 157 16.85 -10.03 -16.63
N ILE A 158 17.40 -8.81 -16.57
CA ILE A 158 18.36 -8.33 -17.56
C ILE A 158 19.61 -9.22 -17.62
N GLU A 159 20.12 -9.60 -16.45
CA GLU A 159 21.31 -10.43 -16.40
C GLU A 159 21.05 -11.84 -16.95
N SER A 160 19.85 -12.36 -16.71
CA SER A 160 19.49 -13.69 -17.20
C SER A 160 19.47 -13.73 -18.74
N ILE A 161 18.81 -12.75 -19.35
CA ILE A 161 18.77 -12.62 -20.80
C ILE A 161 20.17 -12.35 -21.37
N TYR A 162 21.00 -11.67 -20.61
CA TYR A 162 22.35 -11.33 -21.07
C TYR A 162 23.28 -12.54 -21.06
N SER A 163 23.29 -13.30 -19.97
CA SER A 163 24.11 -14.51 -19.90
C SER A 163 23.82 -15.43 -21.08
N ARG A 164 22.55 -15.53 -21.43
CA ARG A 164 22.09 -16.38 -22.52
C ARG A 164 22.57 -15.89 -23.89
N PHE A 165 22.29 -14.63 -24.20
CA PHE A 165 22.53 -14.10 -25.54
C PHE A 165 23.80 -13.30 -25.78
N ALA A 166 24.48 -12.89 -24.72
CA ALA A 166 25.68 -12.05 -24.83
C ALA A 166 26.55 -12.34 -26.06
N LYS A 167 26.70 -13.62 -26.39
CA LYS A 167 27.59 -14.02 -27.47
C LYS A 167 26.89 -14.21 -28.82
N PHE A 168 25.59 -14.48 -28.79
CA PHE A 168 24.79 -14.56 -30.01
C PHE A 168 24.67 -13.18 -30.65
N VAL A 169 24.47 -12.17 -29.82
CA VAL A 169 24.17 -10.81 -30.28
C VAL A 169 25.40 -9.99 -30.64
N ASN A 170 25.39 -9.45 -31.85
CA ASN A 170 26.46 -8.59 -32.32
C ASN A 170 25.86 -7.70 -33.41
N TYR A 171 24.77 -7.03 -33.06
CA TYR A 171 24.05 -6.20 -34.01
C TYR A 171 24.64 -4.80 -34.12
N LYS A 172 24.92 -4.38 -35.35
CA LYS A 172 25.55 -3.09 -35.60
C LYS A 172 24.63 -2.06 -36.27
N GLY A 173 23.40 -2.46 -36.57
CA GLY A 173 22.46 -1.54 -37.21
C GLY A 173 21.84 -0.53 -36.27
N LYS A 174 21.16 0.46 -36.83
CA LYS A 174 20.48 1.49 -36.03
C LYS A 174 19.03 1.09 -35.76
N VAL A 175 18.68 0.97 -34.48
CA VAL A 175 17.34 0.54 -34.09
C VAL A 175 16.52 1.67 -33.45
N VAL A 176 15.25 1.77 -33.83
CA VAL A 176 14.32 2.69 -33.18
C VAL A 176 13.37 1.88 -32.28
N VAL A 177 13.29 2.28 -31.01
CA VAL A 177 12.45 1.58 -30.05
C VAL A 177 11.29 2.44 -29.57
N ASP A 178 10.09 1.85 -29.59
CA ASP A 178 8.88 2.51 -29.12
C ASP A 178 8.40 1.69 -27.93
N CYS A 179 8.53 2.25 -26.73
CA CYS A 179 8.14 1.52 -25.52
C CYS A 179 6.72 1.88 -25.07
N ALA A 180 6.00 2.62 -25.91
CA ALA A 180 4.60 2.94 -25.65
C ALA A 180 4.37 3.77 -24.37
N HIS A 181 5.41 4.48 -23.93
CA HIS A 181 5.36 5.17 -22.65
C HIS A 181 4.90 4.16 -21.58
N GLY A 182 5.17 2.88 -21.83
CA GLY A 182 4.72 1.78 -20.97
C GLY A 182 5.78 1.22 -20.04
N ALA A 183 5.49 0.04 -19.50
CA ALA A 183 6.36 -0.63 -18.52
C ALA A 183 7.79 -0.87 -19.01
N ALA A 184 7.99 -0.93 -20.32
CA ALA A 184 9.32 -1.16 -20.87
C ALA A 184 10.16 0.12 -20.94
N SER A 185 9.54 1.27 -20.73
CA SER A 185 10.26 2.54 -20.72
C SER A 185 11.44 2.44 -19.77
N HIS A 186 12.62 2.77 -20.28
CA HIS A 186 13.87 2.72 -19.50
C HIS A 186 14.41 1.31 -19.31
N ASN A 187 13.53 0.37 -18.97
CA ASN A 187 13.91 -1.03 -18.78
C ASN A 187 14.52 -1.63 -20.05
N PHE A 188 13.79 -1.49 -21.16
CA PHE A 188 14.23 -2.03 -22.45
C PHE A 188 15.53 -1.37 -22.89
N GLU A 189 15.63 -0.07 -22.66
CA GLU A 189 16.86 0.67 -22.95
C GLU A 189 18.04 0.13 -22.13
N ALA A 190 17.78 -0.20 -20.87
CA ALA A 190 18.81 -0.76 -20.01
C ALA A 190 19.30 -2.12 -20.54
N LEU A 191 18.36 -2.93 -21.02
CA LEU A 191 18.68 -4.25 -21.57
C LEU A 191 19.44 -4.13 -22.88
N LEU A 192 18.95 -3.24 -23.75
CA LEU A 192 19.62 -2.96 -25.01
C LEU A 192 21.01 -2.40 -24.79
N ASP A 193 21.20 -1.63 -23.72
CA ASP A 193 22.53 -1.10 -23.38
C ASP A 193 23.52 -2.23 -23.11
N LYS A 194 23.06 -3.29 -22.45
CA LYS A 194 23.92 -4.44 -22.14
C LYS A 194 24.65 -5.00 -23.35
N PHE A 195 24.01 -4.93 -24.51
CA PHE A 195 24.54 -5.49 -25.75
C PHE A 195 25.17 -4.43 -26.64
N GLY A 196 25.28 -3.20 -26.12
CA GLY A 196 25.85 -2.08 -26.88
C GLY A 196 25.11 -1.83 -28.18
N ILE A 197 23.78 -1.83 -28.12
CA ILE A 197 22.95 -1.59 -29.29
C ILE A 197 22.84 -0.09 -29.61
N ASN A 198 22.86 0.23 -30.91
CA ASN A 198 22.68 1.61 -31.36
C ASN A 198 21.19 1.89 -31.58
N TYR A 199 20.56 2.60 -30.65
CA TYR A 199 19.11 2.81 -30.72
C TYR A 199 18.65 4.24 -30.41
N VAL A 200 17.42 4.54 -30.81
CA VAL A 200 16.77 5.82 -30.51
C VAL A 200 15.39 5.54 -29.91
N SER A 201 15.11 6.13 -28.75
CA SER A 201 13.81 5.97 -28.08
C SER A 201 12.83 7.07 -28.52
N ILE A 202 11.60 6.67 -28.83
CA ILE A 202 10.60 7.66 -29.27
C ILE A 202 9.36 7.74 -28.36
N ALA A 203 9.24 6.82 -27.40
CA ALA A 203 8.11 6.83 -26.48
C ALA A 203 8.46 6.14 -25.16
N SER A 204 9.43 6.70 -24.45
CA SER A 204 9.80 6.22 -23.12
C SER A 204 9.78 7.41 -22.15
N ASN A 205 8.70 8.17 -22.18
CA ASN A 205 8.53 9.34 -21.33
C ASN A 205 7.16 9.30 -20.63
N PRO A 206 6.94 8.28 -19.76
CA PRO A 206 5.66 8.11 -19.09
C PRO A 206 5.30 9.23 -18.12
N ASP A 207 4.04 9.64 -18.12
CA ASP A 207 3.53 10.63 -17.18
C ASP A 207 2.24 10.15 -16.53
N GLY A 208 1.97 8.84 -16.67
CA GLY A 208 0.82 8.22 -16.04
C GLY A 208 -0.47 8.32 -16.83
N LEU A 209 -0.48 9.11 -17.91
CA LEU A 209 -1.68 9.23 -18.75
C LEU A 209 -1.43 9.04 -20.24
N ASN A 210 -0.20 8.72 -20.62
CA ASN A 210 0.15 8.63 -22.04
C ASN A 210 0.50 7.22 -22.53
N ILE A 211 0.23 6.21 -21.70
CA ILE A 211 0.51 4.83 -22.09
C ILE A 211 -0.31 4.45 -23.32
N ASN A 212 0.36 3.97 -24.37
CA ASN A 212 -0.33 3.56 -25.60
C ASN A 212 -0.95 4.70 -26.43
N VAL A 213 -0.86 5.93 -25.94
CA VAL A 213 -1.41 7.08 -26.68
C VAL A 213 -0.65 7.33 -27.98
N GLY A 214 -1.25 6.94 -29.10
CA GLY A 214 -0.64 7.13 -30.41
C GLY A 214 0.77 6.53 -30.55
N CYS A 215 1.03 5.49 -29.78
CA CYS A 215 2.33 4.82 -29.84
C CYS A 215 2.22 3.37 -29.36
N GLY A 216 3.32 2.64 -29.47
CA GLY A 216 3.35 1.26 -29.06
C GLY A 216 2.86 0.29 -30.12
N ALA A 217 2.80 -0.99 -29.73
CA ALA A 217 2.48 -2.07 -30.65
C ALA A 217 1.10 -1.93 -31.30
N THR A 218 0.19 -1.22 -30.64
CA THR A 218 -1.16 -1.07 -31.18
C THR A 218 -1.27 0.12 -32.13
N CYS A 219 -0.17 0.86 -32.27
CA CYS A 219 -0.10 1.96 -33.22
C CYS A 219 1.22 1.89 -34.00
N VAL A 220 1.26 0.98 -34.97
CA VAL A 220 2.48 0.70 -35.72
C VAL A 220 2.98 1.87 -36.59
N SER A 221 2.10 2.84 -36.86
CA SER A 221 2.46 4.03 -37.64
C SER A 221 3.61 4.78 -37.00
N ASN A 222 3.58 4.87 -35.68
CA ASN A 222 4.59 5.61 -34.93
C ASN A 222 5.99 5.10 -35.25
N ILE A 223 6.18 3.79 -35.15
CA ILE A 223 7.48 3.19 -35.42
C ILE A 223 7.84 3.20 -36.92
N LYS A 224 6.84 2.99 -37.78
CA LYS A 224 7.04 3.04 -39.23
C LYS A 224 7.61 4.40 -39.66
N LYS A 225 6.96 5.47 -39.19
CA LYS A 225 7.38 6.82 -39.54
C LYS A 225 8.75 7.15 -38.96
N ALA A 226 8.99 6.73 -37.73
CA ALA A 226 10.26 6.97 -37.05
C ALA A 226 11.42 6.31 -37.79
N VAL A 227 11.24 5.05 -38.19
CA VAL A 227 12.29 4.32 -38.91
C VAL A 227 12.68 5.01 -40.21
N LYS A 228 11.68 5.51 -40.94
CA LYS A 228 11.92 6.26 -42.17
C LYS A 228 12.72 7.54 -41.93
N GLU A 229 12.23 8.39 -41.03
CA GLU A 229 12.91 9.67 -40.76
C GLU A 229 14.31 9.46 -40.19
N GLN A 230 14.46 8.46 -39.33
CA GLN A 230 15.74 8.17 -38.69
C GLN A 230 16.67 7.40 -39.60
N LYS A 231 16.15 6.93 -40.74
CA LYS A 231 16.89 6.04 -41.65
C LYS A 231 17.47 4.85 -40.87
N ALA A 232 16.65 4.27 -40.01
CA ALA A 232 17.07 3.14 -39.18
C ALA A 232 17.03 1.82 -39.93
N ASP A 233 17.69 0.82 -39.37
CA ASP A 233 17.75 -0.50 -39.98
C ASP A 233 16.64 -1.40 -39.47
N LEU A 234 16.02 -1.01 -38.35
CA LEU A 234 15.01 -1.82 -37.69
C LEU A 234 14.14 -1.01 -36.74
N GLY A 235 12.89 -1.43 -36.57
CA GLY A 235 11.99 -0.78 -35.62
C GLY A 235 11.42 -1.80 -34.65
N ILE A 236 11.41 -1.47 -33.36
CA ILE A 236 10.82 -2.35 -32.37
C ILE A 236 9.76 -1.58 -31.58
N SER A 237 8.53 -2.08 -31.61
CA SER A 237 7.45 -1.46 -30.87
C SER A 237 6.86 -2.43 -29.85
N LEU A 238 6.72 -1.97 -28.62
CA LEU A 238 6.13 -2.79 -27.55
C LEU A 238 4.81 -2.16 -27.09
N ASP A 239 3.94 -2.93 -26.45
CA ASP A 239 2.73 -2.35 -25.90
C ASP A 239 2.91 -1.95 -24.43
N GLY A 240 1.84 -1.47 -23.80
CA GLY A 240 1.86 -0.99 -22.41
C GLY A 240 2.57 -1.83 -21.36
N ASP A 241 2.37 -3.15 -21.37
CA ASP A 241 3.06 -4.03 -20.42
C ASP A 241 4.18 -4.84 -21.07
N ALA A 242 4.40 -4.59 -22.36
CA ALA A 242 5.51 -5.17 -23.11
C ALA A 242 5.51 -6.69 -23.30
N ASP A 243 4.33 -7.30 -23.43
CA ASP A 243 4.25 -8.71 -23.77
C ASP A 243 3.96 -8.94 -25.26
N ARG A 244 3.75 -7.83 -25.99
CA ARG A 244 3.63 -7.86 -27.45
C ARG A 244 4.83 -7.17 -28.07
N ILE A 245 5.22 -7.66 -29.24
CA ILE A 245 6.25 -7.03 -30.04
C ILE A 245 5.85 -6.99 -31.51
N ILE A 246 6.02 -5.84 -32.13
CA ILE A 246 5.86 -5.71 -33.58
C ILE A 246 7.16 -5.08 -34.06
N ILE A 247 7.72 -5.59 -35.16
CA ILE A 247 8.90 -4.95 -35.72
C ILE A 247 8.70 -4.35 -37.10
N VAL A 248 9.66 -3.54 -37.51
CA VAL A 248 9.64 -2.86 -38.79
C VAL A 248 11.02 -3.01 -39.44
N ASP A 249 11.04 -3.33 -40.72
CA ASP A 249 12.30 -3.47 -41.45
C ASP A 249 12.86 -2.10 -41.87
N GLU A 250 13.92 -2.11 -42.66
CA GLU A 250 14.61 -0.88 -43.06
C GLU A 250 13.78 0.00 -44.00
N ASN A 251 12.70 -0.56 -44.52
CA ASN A 251 11.83 0.17 -45.44
C ASN A 251 10.59 0.75 -44.77
N GLY A 252 10.41 0.43 -43.49
CA GLY A 252 9.26 0.89 -42.73
C GLY A 252 8.11 -0.09 -42.89
N GLN A 253 8.42 -1.27 -43.41
CA GLN A 253 7.43 -2.32 -43.60
C GLN A 253 7.25 -3.13 -42.33
N GLU A 254 6.01 -3.26 -41.91
CA GLU A 254 5.66 -3.97 -40.68
C GLU A 254 5.83 -5.48 -40.82
N ILE A 255 6.38 -6.10 -39.77
CA ILE A 255 6.45 -7.55 -39.65
C ILE A 255 5.77 -7.86 -38.33
N ASP A 256 4.60 -8.49 -38.40
CA ASP A 256 3.82 -8.76 -37.22
C ASP A 256 4.19 -10.08 -36.52
N GLY A 257 3.36 -10.47 -35.54
CA GLY A 257 3.61 -11.68 -34.76
C GLY A 257 3.79 -12.93 -35.60
N ASP A 258 2.95 -13.07 -36.63
CA ASP A 258 3.07 -14.17 -37.60
C ASP A 258 4.45 -14.17 -38.26
N GLY A 259 4.86 -13.00 -38.74
CA GLY A 259 6.15 -12.81 -39.40
C GLY A 259 7.34 -13.02 -38.48
N ILE A 260 7.23 -12.54 -37.25
CA ILE A 260 8.28 -12.73 -36.24
C ILE A 260 8.45 -14.22 -35.89
N LEU A 261 7.33 -14.90 -35.66
CA LEU A 261 7.34 -16.31 -35.33
C LEU A 261 7.97 -17.15 -36.46
N ASN A 262 7.67 -16.77 -37.69
CA ASN A 262 8.26 -17.42 -38.85
C ASN A 262 9.78 -17.27 -38.87
N ILE A 263 10.27 -16.10 -38.45
CA ILE A 263 11.71 -15.88 -38.34
C ILE A 263 12.32 -16.76 -37.23
N LEU A 264 11.69 -16.80 -36.07
CA LEU A 264 12.14 -17.68 -34.98
C LEU A 264 12.15 -19.14 -35.40
N ALA A 265 11.16 -19.54 -36.20
CA ALA A 265 11.09 -20.91 -36.71
C ALA A 265 12.29 -21.25 -37.59
N GLN A 266 12.69 -20.31 -38.44
CA GLN A 266 13.82 -20.51 -39.34
C GLN A 266 15.14 -20.61 -38.58
N TYR A 267 15.17 -20.04 -37.39
CA TYR A 267 16.36 -20.07 -36.54
C TYR A 267 16.00 -20.63 -35.17
N SER A 268 15.16 -21.68 -35.17
CA SER A 268 14.67 -22.30 -33.94
C SER A 268 15.78 -22.84 -33.06
N ASP A 269 16.89 -23.25 -33.67
CA ASP A 269 18.02 -23.79 -32.92
C ASP A 269 18.71 -22.69 -32.09
N ILE A 270 18.86 -21.51 -32.68
CA ILE A 270 19.42 -20.36 -31.96
C ILE A 270 18.44 -19.87 -30.89
N CYS A 271 17.20 -20.32 -31.00
CA CYS A 271 16.14 -19.97 -30.07
C CYS A 271 15.89 -21.03 -29.00
N GLY A 272 16.83 -21.95 -28.86
CA GLY A 272 16.73 -22.99 -27.84
C GLY A 272 16.22 -24.33 -28.37
N GLY A 273 15.48 -24.29 -29.48
CA GLY A 273 14.94 -25.50 -30.10
C GLY A 273 13.43 -25.63 -29.96
N THR A 274 12.82 -26.33 -30.90
CA THR A 274 11.38 -26.59 -30.89
C THR A 274 11.02 -27.69 -31.90
N ASN A 275 10.12 -28.59 -31.51
CA ASN A 275 9.69 -29.68 -32.39
C ASN A 275 8.64 -29.24 -33.39
N GLY A 276 7.97 -28.13 -33.08
CA GLY A 276 6.96 -27.55 -33.95
C GLY A 276 6.63 -26.13 -33.54
N ILE A 277 5.75 -25.50 -34.31
CA ILE A 277 5.36 -24.11 -34.06
C ILE A 277 3.85 -24.05 -33.83
N VAL A 278 3.43 -23.27 -32.83
CA VAL A 278 2.01 -23.08 -32.56
C VAL A 278 1.57 -21.67 -32.96
N GLY A 279 0.59 -21.61 -33.87
CA GLY A 279 0.01 -20.34 -34.32
C GLY A 279 -1.43 -20.24 -33.87
N THR A 280 -2.24 -19.49 -34.62
CA THR A 280 -3.66 -19.39 -34.30
C THR A 280 -4.48 -19.49 -35.57
N GLN A 281 -5.79 -19.34 -35.44
CA GLN A 281 -6.69 -19.36 -36.58
C GLN A 281 -6.40 -18.16 -37.49
N MSE A 282 -5.86 -17.09 -36.90
CA MSE A 282 -5.53 -15.87 -37.63
C MSE A 282 -4.22 -15.91 -38.41
O MSE A 282 -3.97 -15.05 -39.24
CB MSE A 282 -5.53 -14.66 -36.68
CG MSE A 282 -6.91 -14.15 -36.31
SE MSE A 282 -7.97 -13.65 -37.87
CE MSE A 282 -8.57 -15.39 -38.45
N THR A 283 -3.36 -16.89 -38.13
CA THR A 283 -2.09 -16.98 -38.84
C THR A 283 -2.28 -17.02 -40.35
N ASN A 284 -1.66 -16.07 -41.04
CA ASN A 284 -1.72 -15.98 -42.49
C ASN A 284 -1.28 -17.29 -43.12
N MSE A 285 -2.13 -17.84 -43.98
CA MSE A 285 -1.89 -19.14 -44.62
C MSE A 285 -0.57 -19.21 -45.40
O MSE A 285 -0.04 -20.30 -45.60
CB MSE A 285 -3.06 -19.54 -45.50
CG MSE A 285 -2.99 -20.96 -46.03
SE MSE A 285 -4.51 -21.34 -47.17
CE MSE A 285 -4.14 -23.19 -47.70
N SER A 286 -0.05 -18.06 -45.83
CA SER A 286 1.25 -18.02 -46.47
C SER A 286 2.31 -18.62 -45.54
N TYR A 287 2.21 -18.33 -44.25
CA TYR A 287 3.15 -18.90 -43.26
C TYR A 287 2.87 -20.38 -43.07
N GLU A 288 1.61 -20.77 -43.08
CA GLU A 288 1.23 -22.17 -42.96
C GLU A 288 1.78 -22.99 -44.13
N ASN A 289 1.70 -22.42 -45.33
CA ASN A 289 2.24 -23.07 -46.52
C ASN A 289 3.76 -23.16 -46.43
N HIS A 290 4.36 -22.12 -45.86
CA HIS A 290 5.79 -22.09 -45.67
C HIS A 290 6.28 -23.14 -44.67
N TYR A 291 5.62 -23.26 -43.52
CA TYR A 291 6.01 -24.28 -42.53
C TYR A 291 5.93 -25.68 -43.13
N ARG A 292 4.81 -25.97 -43.80
CA ARG A 292 4.61 -27.26 -44.46
C ARG A 292 5.70 -27.56 -45.49
N ALA A 293 6.09 -26.54 -46.27
CA ALA A 293 7.15 -26.70 -47.26
C ALA A 293 8.51 -27.00 -46.62
N ASN A 294 8.71 -26.51 -45.40
CA ASN A 294 9.97 -26.74 -44.68
C ASN A 294 9.89 -27.83 -43.62
N LYS A 295 8.82 -28.63 -43.69
CA LYS A 295 8.61 -29.77 -42.79
C LYS A 295 8.60 -29.39 -41.32
N ILE A 296 8.11 -28.20 -41.02
CA ILE A 296 7.95 -27.75 -39.65
C ILE A 296 6.49 -27.94 -39.24
N PRO A 297 6.24 -28.83 -38.26
CA PRO A 297 4.88 -29.03 -37.78
C PRO A 297 4.27 -27.71 -37.32
N PHE A 298 3.02 -27.47 -37.69
CA PHE A 298 2.34 -26.22 -37.35
C PHE A 298 0.96 -26.51 -36.77
N ILE A 299 0.60 -25.73 -35.76
CA ILE A 299 -0.70 -25.91 -35.11
C ILE A 299 -1.43 -24.59 -34.99
N ARG A 300 -2.69 -24.60 -35.40
CA ARG A 300 -3.52 -23.43 -35.21
C ARG A 300 -4.29 -23.57 -33.92
N SER A 301 -4.03 -22.64 -33.00
CA SER A 301 -4.68 -22.63 -31.71
C SER A 301 -6.06 -21.97 -31.82
N LYS A 302 -6.89 -22.19 -30.80
CA LYS A 302 -8.25 -21.65 -30.80
C LYS A 302 -8.32 -20.18 -30.38
N VAL A 303 -7.62 -19.32 -31.14
CA VAL A 303 -7.60 -17.85 -30.97
C VAL A 303 -7.17 -17.25 -29.63
N GLY A 304 -5.88 -16.91 -29.54
CA GLY A 304 -5.30 -16.24 -28.37
C GLY A 304 -5.63 -16.84 -27.02
N ASP A 305 -6.45 -16.12 -26.24
CA ASP A 305 -6.85 -16.49 -24.88
C ASP A 305 -6.17 -17.70 -24.23
N ARG A 306 -4.89 -17.55 -23.91
CA ARG A 306 -4.13 -18.61 -23.24
C ARG A 306 -4.15 -19.97 -23.96
N TYR A 307 -4.74 -20.01 -25.15
CA TYR A 307 -4.83 -21.24 -25.92
C TYR A 307 -3.51 -21.64 -26.57
N VAL A 308 -2.73 -20.64 -27.00
CA VAL A 308 -1.43 -20.89 -27.61
C VAL A 308 -0.50 -21.63 -26.64
N LEU A 309 -0.47 -21.17 -25.39
CA LEU A 309 0.35 -21.79 -24.35
C LEU A 309 -0.15 -23.20 -23.98
N GLU A 310 -1.47 -23.35 -23.93
CA GLU A 310 -2.05 -24.66 -23.63
C GLU A 310 -1.73 -25.67 -24.72
N ASP A 311 -1.66 -25.19 -25.97
CA ASP A 311 -1.32 -26.04 -27.10
C ASP A 311 0.18 -26.29 -27.19
N LEU A 312 0.97 -25.31 -26.76
CA LEU A 312 2.42 -25.51 -26.70
C LEU A 312 2.76 -26.64 -25.72
N VAL A 313 2.17 -26.57 -24.53
CA VAL A 313 2.41 -27.57 -23.49
C VAL A 313 1.95 -28.95 -23.94
N LYS A 314 0.76 -29.01 -24.53
CA LYS A 314 0.15 -30.26 -24.99
C LYS A 314 0.97 -31.02 -26.04
N TYR A 315 1.52 -30.30 -27.01
CA TYR A 315 2.26 -30.93 -28.11
C TYR A 315 3.75 -31.02 -27.84
N GLY A 316 4.18 -30.38 -26.77
CA GLY A 316 5.59 -30.34 -26.40
C GLY A 316 6.41 -29.47 -27.32
N TYR A 317 5.81 -28.38 -27.81
CA TYR A 317 6.53 -27.42 -28.64
C TYR A 317 6.98 -26.26 -27.74
N LYS A 318 7.93 -25.46 -28.23
CA LYS A 318 8.49 -24.38 -27.41
C LYS A 318 8.16 -22.98 -27.91
N ILE A 319 8.04 -22.84 -29.22
CA ILE A 319 7.83 -21.53 -29.82
C ILE A 319 6.45 -21.40 -30.45
N GLY A 320 5.71 -20.39 -30.01
CA GLY A 320 4.39 -20.14 -30.54
C GLY A 320 4.08 -18.66 -30.43
N GLY A 321 3.05 -18.23 -31.15
CA GLY A 321 2.69 -16.81 -31.14
C GLY A 321 1.47 -16.49 -31.98
N GLU A 322 1.10 -15.22 -31.96
CA GLU A 322 -0.07 -14.77 -32.69
C GLU A 322 0.19 -13.42 -33.34
N SER A 323 -0.67 -13.05 -34.28
CA SER A 323 -0.47 -11.83 -35.06
C SER A 323 -0.33 -10.56 -34.21
N SER A 324 -1.10 -10.49 -33.12
CA SER A 324 -1.01 -9.38 -32.16
C SER A 324 0.41 -9.03 -31.76
N GLY A 325 1.29 -10.03 -31.73
CA GLY A 325 2.67 -9.81 -31.32
C GLY A 325 3.05 -10.53 -30.04
N HIS A 326 2.14 -11.32 -29.48
CA HIS A 326 2.44 -12.13 -28.30
C HIS A 326 3.24 -13.35 -28.77
N VAL A 327 4.52 -13.39 -28.41
CA VAL A 327 5.39 -14.49 -28.80
C VAL A 327 5.93 -15.18 -27.54
N ILE A 328 5.85 -16.51 -27.53
CA ILE A 328 6.24 -17.30 -26.36
C ILE A 328 7.35 -18.28 -26.72
N ASN A 329 8.41 -18.27 -25.92
CA ASN A 329 9.48 -19.23 -26.05
C ASN A 329 9.68 -19.97 -24.72
N LEU A 330 9.21 -21.21 -24.67
CA LEU A 330 9.23 -22.01 -23.45
C LEU A 330 10.61 -22.49 -23.03
N ASN A 331 11.60 -22.23 -23.87
CA ASN A 331 12.97 -22.52 -23.51
C ASN A 331 13.48 -21.53 -22.45
N PHE A 332 12.83 -20.38 -22.38
CA PHE A 332 13.19 -19.37 -21.39
C PHE A 332 12.02 -18.85 -20.55
N GLY A 333 10.98 -18.37 -21.20
CA GLY A 333 9.85 -17.79 -20.47
C GLY A 333 8.66 -18.71 -20.32
N THR A 334 7.62 -18.19 -19.66
CA THR A 334 6.38 -18.92 -19.46
C THR A 334 5.20 -18.08 -19.94
N THR A 335 5.50 -16.99 -20.64
CA THR A 335 4.47 -16.09 -21.14
C THR A 335 5.02 -15.23 -22.29
N GLY A 336 4.14 -14.49 -22.95
CA GLY A 336 4.54 -13.58 -24.04
C GLY A 336 5.46 -12.49 -23.53
N ASP A 337 6.57 -12.29 -24.22
CA ASP A 337 7.61 -11.37 -23.77
C ASP A 337 8.22 -10.67 -24.98
N GLY A 338 8.01 -9.36 -25.07
CA GLY A 338 8.49 -8.60 -26.21
C GLY A 338 9.96 -8.22 -26.12
N LEU A 339 10.45 -8.09 -24.89
CA LEU A 339 11.86 -7.74 -24.66
C LEU A 339 12.76 -8.91 -25.06
N PHE A 340 12.42 -10.09 -24.58
CA PHE A 340 13.19 -11.30 -24.87
C PHE A 340 13.12 -11.64 -26.36
N THR A 341 11.93 -11.53 -26.95
CA THR A 341 11.76 -11.72 -28.38
C THR A 341 12.62 -10.73 -29.19
N ALA A 342 12.67 -9.47 -28.74
CA ALA A 342 13.55 -8.48 -29.35
C ALA A 342 15.01 -8.94 -29.40
N ILE A 343 15.54 -9.38 -28.27
CA ILE A 343 16.95 -9.78 -28.20
C ILE A 343 17.19 -11.03 -29.04
N GLN A 344 16.19 -11.91 -29.07
CA GLN A 344 16.24 -13.12 -29.87
C GLN A 344 16.38 -12.78 -31.37
N LEU A 345 15.61 -11.79 -31.81
CA LEU A 345 15.66 -11.29 -33.18
C LEU A 345 17.01 -10.65 -33.54
N LEU A 346 17.56 -9.86 -32.61
CA LEU A 346 18.87 -9.24 -32.82
C LEU A 346 19.99 -10.29 -32.84
N ALA A 347 19.76 -11.39 -32.11
CA ALA A 347 20.71 -12.50 -32.12
C ALA A 347 20.66 -13.18 -33.49
N ILE A 348 19.45 -13.25 -34.04
CA ILE A 348 19.24 -13.81 -35.37
C ILE A 348 19.76 -12.88 -36.46
N PHE A 349 19.46 -11.58 -36.35
CA PHE A 349 19.93 -10.61 -37.33
C PHE A 349 21.46 -10.47 -37.32
N SER A 350 22.09 -11.04 -36.30
CA SER A 350 23.56 -11.02 -36.20
C SER A 350 24.19 -12.14 -37.03
N GLN A 351 23.36 -13.09 -37.46
CA GLN A 351 23.83 -14.27 -38.18
C GLN A 351 24.13 -14.04 -39.67
N ALA A 352 23.43 -13.10 -40.28
CA ALA A 352 23.59 -12.84 -41.70
C ALA A 352 23.88 -11.37 -41.99
N ASP A 353 24.75 -11.14 -42.98
CA ASP A 353 25.13 -9.80 -43.38
C ASP A 353 24.14 -9.21 -44.38
N LYS A 354 22.87 -9.55 -44.18
CA LYS A 354 21.78 -9.02 -44.99
C LYS A 354 20.85 -8.19 -44.11
N PRO A 355 20.02 -7.34 -44.73
CA PRO A 355 19.12 -6.49 -43.95
C PRO A 355 17.90 -7.25 -43.44
N VAL A 356 17.16 -6.62 -42.53
CA VAL A 356 15.98 -7.19 -41.90
C VAL A 356 14.89 -7.62 -42.90
N SER A 357 14.71 -6.85 -43.97
CA SER A 357 13.71 -7.17 -44.97
C SER A 357 13.95 -8.52 -45.65
N GLU A 358 15.18 -9.00 -45.61
CA GLU A 358 15.50 -10.28 -46.23
C GLU A 358 15.29 -11.48 -45.32
N PHE A 359 14.90 -11.22 -44.08
CA PHE A 359 14.58 -12.29 -43.14
C PHE A 359 13.10 -12.67 -43.26
N LYS A 360 12.30 -11.75 -43.77
CA LYS A 360 10.88 -11.95 -43.95
C LYS A 360 10.60 -13.07 -44.93
N LEU A 361 9.39 -13.60 -44.83
CA LEU A 361 8.92 -14.58 -45.80
C LEU A 361 8.91 -13.84 -47.13
N GLN A 362 9.69 -14.33 -48.08
CA GLN A 362 9.80 -13.70 -49.38
C GLN A 362 8.54 -13.97 -50.21
N GLY A 363 8.03 -12.91 -50.85
CA GLY A 363 6.80 -13.02 -51.64
C GLY A 363 5.64 -12.33 -50.96
N GLU A 364 4.51 -12.25 -51.65
CA GLU A 364 3.33 -11.59 -51.12
C GLU A 364 2.54 -12.49 -50.18
N LEU A 365 2.19 -11.95 -49.02
CA LEU A 365 1.35 -12.64 -48.07
C LEU A 365 -0.06 -12.69 -48.65
N MSE A 366 -0.86 -13.65 -48.22
CA MSE A 366 -2.25 -13.72 -48.67
C MSE A 366 -3.03 -12.54 -48.12
O MSE A 366 -2.59 -11.88 -47.17
CB MSE A 366 -2.90 -15.04 -48.28
CG MSE A 366 -2.32 -16.25 -48.98
SE MSE A 366 -3.48 -17.82 -48.84
CE MSE A 366 -2.34 -19.11 -49.75
N GLN A 367 -4.17 -12.27 -48.73
CA GLN A 367 -5.01 -11.14 -48.35
C GLN A 367 -6.31 -11.68 -47.77
N GLN A 368 -7.03 -10.86 -47.01
CA GLN A 368 -8.28 -11.30 -46.41
C GLN A 368 -9.44 -10.35 -46.68
N THR A 369 -10.64 -10.93 -46.78
CA THR A 369 -11.87 -10.17 -46.84
C THR A 369 -12.75 -10.68 -45.71
N LEU A 370 -13.09 -9.78 -44.79
CA LEU A 370 -13.94 -10.10 -43.65
C LEU A 370 -15.29 -9.44 -43.85
N ILE A 371 -16.36 -10.23 -43.74
CA ILE A 371 -17.72 -9.72 -43.82
C ILE A 371 -18.52 -10.17 -42.59
N ASN A 372 -19.12 -9.21 -41.90
CA ASN A 372 -19.96 -9.51 -40.75
C ASN A 372 -21.41 -9.72 -41.16
N VAL A 373 -22.03 -10.76 -40.63
CA VAL A 373 -23.44 -11.03 -40.87
C VAL A 373 -24.21 -10.97 -39.54
N PRO A 374 -25.05 -9.94 -39.37
CA PRO A 374 -25.86 -9.81 -38.16
C PRO A 374 -26.97 -10.88 -38.10
N LEU A 375 -27.15 -11.49 -36.94
CA LEU A 375 -28.13 -12.56 -36.78
C LEU A 375 -29.09 -12.29 -35.63
N THR A 376 -30.01 -13.23 -35.39
CA THR A 376 -30.98 -13.11 -34.31
C THR A 376 -30.41 -13.61 -32.98
N LYS A 377 -29.43 -14.51 -33.06
CA LYS A 377 -28.82 -15.08 -31.87
C LYS A 377 -27.33 -15.31 -32.07
N LYS A 378 -26.61 -15.50 -30.97
CA LYS A 378 -25.19 -15.83 -31.03
C LYS A 378 -25.03 -17.16 -31.77
N VAL A 379 -24.00 -17.26 -32.60
CA VAL A 379 -23.81 -18.45 -33.43
C VAL A 379 -23.12 -19.62 -32.71
N ALA A 380 -23.85 -20.72 -32.60
CA ALA A 380 -23.34 -21.95 -31.99
C ALA A 380 -22.73 -22.86 -33.05
N ARG A 381 -22.25 -24.03 -32.63
CA ARG A 381 -21.63 -24.97 -33.58
C ARG A 381 -22.66 -25.65 -34.49
N GLU A 382 -23.90 -25.75 -34.02
CA GLU A 382 -24.98 -26.35 -34.80
C GLU A 382 -25.34 -25.45 -35.97
N ASP A 383 -25.09 -24.15 -35.80
CA ASP A 383 -25.36 -23.16 -36.84
C ASP A 383 -24.27 -23.19 -37.90
N LEU A 384 -23.04 -23.45 -37.47
CA LEU A 384 -21.90 -23.52 -38.37
C LEU A 384 -21.88 -24.83 -39.17
N GLN A 385 -22.64 -25.82 -38.70
CA GLN A 385 -22.74 -27.09 -39.39
C GLN A 385 -23.63 -26.96 -40.63
N LYS A 386 -24.65 -26.12 -40.50
CA LYS A 386 -25.59 -25.84 -41.60
C LYS A 386 -24.90 -25.34 -42.87
N VAL A 387 -23.75 -24.66 -42.71
CA VAL A 387 -23.00 -24.14 -43.84
C VAL A 387 -21.67 -24.85 -44.08
N ALA A 388 -21.43 -25.95 -43.37
CA ALA A 388 -20.18 -26.70 -43.48
C ALA A 388 -19.90 -27.13 -44.92
N SER A 389 -20.95 -27.62 -45.59
CA SER A 389 -20.84 -28.10 -46.96
C SER A 389 -20.47 -27.00 -47.96
N ASP A 390 -20.86 -25.76 -47.66
CA ASP A 390 -20.51 -24.61 -48.49
C ASP A 390 -19.08 -24.16 -48.24
N VAL A 391 -18.67 -24.20 -46.96
CA VAL A 391 -17.28 -23.92 -46.59
C VAL A 391 -16.34 -24.93 -47.27
N ASN A 392 -16.71 -26.20 -47.21
CA ASN A 392 -15.92 -27.26 -47.82
C ASN A 392 -15.79 -27.08 -49.33
N ASP A 393 -16.88 -26.65 -49.96
CA ASP A 393 -16.91 -26.39 -51.40
C ASP A 393 -15.92 -25.29 -51.75
N VAL A 394 -16.01 -24.17 -51.05
CA VAL A 394 -15.12 -23.03 -51.29
C VAL A 394 -13.64 -23.42 -51.12
N GLU A 395 -13.32 -24.08 -50.02
CA GLU A 395 -11.94 -24.50 -49.76
C GLU A 395 -11.44 -25.49 -50.78
N LYS A 396 -12.31 -26.42 -51.18
CA LYS A 396 -11.95 -27.43 -52.19
C LYS A 396 -11.54 -26.75 -53.49
N ARG A 397 -12.26 -25.70 -53.87
CA ARG A 397 -11.93 -24.94 -55.06
C ARG A 397 -10.72 -24.01 -54.88
N LEU A 398 -10.42 -23.62 -53.65
CA LEU A 398 -9.28 -22.75 -53.37
C LEU A 398 -7.94 -23.48 -53.32
N GLY A 399 -7.98 -24.78 -53.06
CA GLY A 399 -6.75 -25.56 -52.90
C GLY A 399 -5.78 -24.87 -51.95
N ASN A 400 -4.54 -24.72 -52.38
CA ASN A 400 -3.49 -24.08 -51.57
C ASN A 400 -3.51 -22.56 -51.66
N ARG A 401 -4.42 -22.04 -52.48
CA ARG A 401 -4.44 -20.62 -52.79
C ARG A 401 -5.32 -19.80 -51.85
N GLY A 402 -5.84 -20.45 -50.81
CA GLY A 402 -6.69 -19.76 -49.86
C GLY A 402 -7.34 -20.72 -48.88
N ARG A 403 -8.17 -20.16 -48.01
CA ARG A 403 -8.88 -20.92 -46.98
C ARG A 403 -10.05 -20.10 -46.46
N VAL A 404 -10.95 -20.78 -45.76
CA VAL A 404 -12.08 -20.10 -45.14
C VAL A 404 -11.92 -20.12 -43.62
N LEU A 405 -12.51 -19.12 -42.96
CA LEU A 405 -12.61 -19.11 -41.52
C LEU A 405 -13.90 -18.41 -41.13
N LEU A 406 -14.82 -19.17 -40.54
CA LEU A 406 -16.06 -18.61 -40.01
C LEU A 406 -15.98 -18.58 -38.51
N ARG A 407 -16.41 -17.48 -37.91
CA ARG A 407 -16.34 -17.37 -36.46
C ARG A 407 -17.55 -16.69 -35.86
N PRO A 408 -17.99 -17.17 -34.68
CA PRO A 408 -18.97 -16.43 -33.89
C PRO A 408 -18.27 -15.20 -33.32
N SER A 409 -19.04 -14.27 -32.74
CA SER A 409 -18.48 -13.09 -32.10
C SER A 409 -18.64 -13.23 -30.59
N GLY A 410 -18.22 -14.38 -30.07
CA GLY A 410 -18.40 -14.68 -28.66
C GLY A 410 -19.88 -14.91 -28.39
N THR A 411 -20.48 -14.00 -27.61
CA THR A 411 -21.89 -14.06 -27.31
C THR A 411 -22.70 -12.98 -28.04
N GLU A 412 -22.11 -12.40 -29.08
CA GLU A 412 -22.79 -11.40 -29.90
C GLU A 412 -23.54 -12.07 -31.06
N PRO A 413 -24.67 -11.49 -31.47
CA PRO A 413 -25.47 -12.06 -32.56
C PRO A 413 -24.92 -11.69 -33.94
N VAL A 414 -23.66 -12.02 -34.18
CA VAL A 414 -23.00 -11.71 -35.45
C VAL A 414 -22.10 -12.86 -35.87
N LEU A 415 -22.12 -13.19 -37.16
CA LEU A 415 -21.24 -14.22 -37.70
C LEU A 415 -20.17 -13.54 -38.56
N ARG A 416 -18.91 -13.84 -38.28
CA ARG A 416 -17.81 -13.26 -39.04
C ARG A 416 -17.35 -14.20 -40.14
N VAL A 417 -17.54 -13.77 -41.39
CA VAL A 417 -17.14 -14.55 -42.55
C VAL A 417 -15.83 -14.03 -43.10
N MSE A 418 -14.79 -14.86 -43.07
CA MSE A 418 -13.52 -14.45 -43.63
C MSE A 418 -13.01 -15.49 -44.63
O MSE A 418 -13.19 -16.70 -44.44
CB MSE A 418 -12.48 -14.24 -42.54
CG MSE A 418 -11.24 -13.47 -43.00
SE MSE A 418 -9.78 -13.52 -41.69
CE MSE A 418 -9.21 -15.37 -41.99
N VAL A 419 -12.43 -14.99 -45.71
CA VAL A 419 -11.78 -15.83 -46.69
C VAL A 419 -10.39 -15.24 -46.90
N GLU A 420 -9.38 -16.09 -46.81
CA GLU A 420 -8.01 -15.68 -47.03
C GLU A 420 -7.55 -16.31 -48.34
N ALA A 421 -6.98 -15.50 -49.24
CA ALA A 421 -6.54 -16.00 -50.54
C ALA A 421 -5.38 -15.21 -51.13
N ASP A 422 -4.65 -15.84 -52.05
CA ASP A 422 -3.59 -15.16 -52.80
C ASP A 422 -4.20 -14.02 -53.61
N ASP A 423 -5.38 -14.28 -54.17
CA ASP A 423 -6.07 -13.34 -55.04
C ASP A 423 -7.16 -12.62 -54.25
N LYS A 424 -6.97 -11.31 -54.05
CA LYS A 424 -7.92 -10.50 -53.28
C LYS A 424 -9.34 -10.55 -53.86
N SER A 425 -9.47 -10.40 -55.18
CA SER A 425 -10.77 -10.45 -55.85
C SER A 425 -11.52 -11.73 -55.51
N LEU A 426 -10.78 -12.83 -55.48
CA LEU A 426 -11.35 -14.14 -55.22
C LEU A 426 -11.80 -14.27 -53.79
N ALA A 427 -11.01 -13.70 -52.87
CA ALA A 427 -11.35 -13.72 -51.45
C ALA A 427 -12.68 -12.99 -51.22
N THR A 428 -12.84 -11.83 -51.86
CA THR A 428 -14.07 -11.06 -51.77
C THR A 428 -15.22 -11.83 -52.41
N ASN A 429 -14.96 -12.42 -53.57
CA ASN A 429 -15.97 -13.23 -54.26
C ASN A 429 -16.50 -14.36 -53.38
N GLU A 430 -15.59 -15.17 -52.85
CA GLU A 430 -15.97 -16.32 -52.06
C GLU A 430 -16.62 -15.95 -50.73
N ALA A 431 -16.15 -14.87 -50.11
CA ALA A 431 -16.76 -14.37 -48.89
C ALA A 431 -18.19 -13.93 -49.17
N GLU A 432 -18.40 -13.20 -50.26
CA GLU A 432 -19.74 -12.77 -50.64
C GLU A 432 -20.65 -13.96 -50.90
N TYR A 433 -20.09 -15.01 -51.50
CA TYR A 433 -20.83 -16.24 -51.79
C TYR A 433 -21.29 -16.91 -50.49
N LEU A 434 -20.35 -17.12 -49.57
CA LEU A 434 -20.66 -17.70 -48.26
C LEU A 434 -21.66 -16.86 -47.45
N VAL A 435 -21.50 -15.54 -47.51
CA VAL A 435 -22.45 -14.63 -46.85
C VAL A 435 -23.87 -14.93 -47.30
N GLU A 436 -24.04 -15.14 -48.61
CA GLU A 436 -25.36 -15.44 -49.17
C GLU A 436 -25.87 -16.80 -48.71
N LYS A 437 -24.95 -17.75 -48.54
CA LYS A 437 -25.30 -19.08 -48.04
C LYS A 437 -25.73 -19.01 -46.59
N VAL A 438 -25.06 -18.18 -45.81
CA VAL A 438 -25.41 -17.96 -44.40
C VAL A 438 -26.80 -17.33 -44.29
N LYS A 439 -27.06 -16.32 -45.12
CA LYS A 439 -28.34 -15.64 -45.14
C LYS A 439 -29.48 -16.59 -45.53
N GLN A 440 -29.16 -17.57 -46.36
CA GLN A 440 -30.14 -18.56 -46.80
C GLN A 440 -30.41 -19.62 -45.73
N LYS A 441 -29.41 -19.94 -44.93
CA LYS A 441 -29.48 -21.10 -44.05
C LYS A 441 -29.58 -20.83 -42.55
N LEU A 442 -29.15 -19.65 -42.12
CA LEU A 442 -29.17 -19.31 -40.69
C LEU A 442 -30.31 -18.38 -40.29
N VAL A 443 -30.58 -18.35 -38.98
CA VAL A 443 -31.66 -17.56 -38.40
C VAL A 443 -33.03 -18.23 -38.63
N LYS B 3 -21.15 6.60 14.40
CA LYS B 3 -20.04 7.46 14.91
C LYS B 3 -18.76 6.65 15.03
N TYR B 4 -17.67 7.20 14.47
CA TYR B 4 -16.40 6.49 14.37
C TYR B 4 -15.34 6.95 15.37
N PHE B 5 -15.28 8.25 15.62
CA PHE B 5 -14.29 8.81 16.54
C PHE B 5 -14.67 8.61 18.00
N GLY B 6 -15.28 9.61 18.62
CA GLY B 6 -15.64 9.57 20.03
C GLY B 6 -14.42 9.37 20.92
N THR B 7 -14.66 8.96 22.17
CA THR B 7 -13.58 8.73 23.13
C THR B 7 -12.47 7.86 22.51
N ASP B 8 -11.23 8.33 22.62
CA ASP B 8 -10.08 7.68 21.97
C ASP B 8 -9.90 8.12 20.52
N GLY B 9 -10.91 7.89 19.69
CA GLY B 9 -10.88 8.31 18.29
C GLY B 9 -10.30 7.26 17.36
N ILE B 10 -11.18 6.51 16.71
CA ILE B 10 -10.82 5.42 15.80
C ILE B 10 -9.76 4.48 16.39
N ARG B 11 -10.26 3.40 16.98
CA ARG B 11 -9.43 2.42 17.65
C ARG B 11 -10.33 1.28 18.11
N GLY B 12 -9.94 0.05 17.80
CA GLY B 12 -10.69 -1.12 18.19
C GLY B 12 -9.98 -2.40 17.78
N GLU B 13 -10.51 -3.53 18.22
CA GLU B 13 -9.95 -4.83 17.84
C GLU B 13 -10.00 -5.01 16.33
N VAL B 14 -8.93 -5.56 15.78
CA VAL B 14 -8.86 -5.77 14.34
C VAL B 14 -9.86 -6.84 13.87
N ALA B 15 -10.70 -6.46 12.90
CA ALA B 15 -11.68 -7.35 12.28
C ALA B 15 -12.78 -7.80 13.24
N ASN B 16 -12.97 -7.01 14.30
CA ASN B 16 -14.00 -7.27 15.30
C ASN B 16 -14.48 -5.91 15.80
N SER B 17 -14.25 -4.90 14.96
CA SER B 17 -14.53 -3.50 15.31
C SER B 17 -14.79 -2.68 14.03
N THR B 18 -14.48 -1.39 14.12
CA THR B 18 -14.55 -0.45 13.00
C THR B 18 -13.22 -0.48 12.25
N ILE B 19 -12.22 -1.07 12.90
CA ILE B 19 -10.89 -1.19 12.32
C ILE B 19 -10.87 -2.35 11.31
N THR B 20 -11.57 -2.16 10.20
CA THR B 20 -11.57 -3.12 9.11
C THR B 20 -10.83 -2.51 7.93
N VAL B 21 -10.35 -3.37 7.04
CA VAL B 21 -9.60 -2.91 5.88
C VAL B 21 -10.45 -2.01 4.95
N GLU B 22 -11.77 -2.10 5.05
CA GLU B 22 -12.66 -1.32 4.18
C GLU B 22 -13.00 0.05 4.75
N PHE B 23 -13.08 0.14 6.07
CA PHE B 23 -13.36 1.42 6.71
C PHE B 23 -12.14 2.31 6.59
N THR B 24 -10.97 1.72 6.77
CA THR B 24 -9.70 2.44 6.71
C THR B 24 -9.40 2.95 5.30
N GLN B 25 -9.80 2.17 4.29
CA GLN B 25 -9.65 2.58 2.90
C GLN B 25 -10.55 3.78 2.63
N LYS B 26 -11.79 3.70 3.14
CA LYS B 26 -12.76 4.78 3.00
C LYS B 26 -12.38 6.03 3.80
N LEU B 27 -11.75 5.85 4.96
CA LEU B 27 -11.28 6.96 5.76
C LEU B 27 -10.19 7.72 5.00
N GLY B 28 -9.24 6.98 4.44
CA GLY B 28 -8.16 7.60 3.66
C GLY B 28 -8.71 8.45 2.53
N ASN B 29 -9.73 7.92 1.87
CA ASN B 29 -10.31 8.59 0.72
C ASN B 29 -11.07 9.85 1.16
N ALA B 30 -11.75 9.74 2.30
CA ALA B 30 -12.55 10.82 2.87
C ALA B 30 -11.70 12.01 3.30
N VAL B 31 -10.55 11.73 3.90
CA VAL B 31 -9.64 12.77 4.32
C VAL B 31 -9.06 13.42 3.08
N GLY B 32 -8.84 12.61 2.05
CA GLY B 32 -8.29 13.10 0.80
C GLY B 32 -9.28 14.02 0.13
N SER B 33 -10.57 13.67 0.22
CA SER B 33 -11.59 14.51 -0.37
C SER B 33 -11.69 15.84 0.35
N LEU B 34 -11.52 15.83 1.68
CA LEU B 34 -11.58 17.08 2.43
C LEU B 34 -10.41 17.98 2.04
N ILE B 35 -9.25 17.37 1.83
CA ILE B 35 -8.05 18.08 1.38
C ILE B 35 -8.27 18.77 0.04
N ASN B 36 -8.80 18.03 -0.93
CA ASN B 36 -9.13 18.56 -2.25
C ASN B 36 -10.14 19.70 -2.18
N GLN B 37 -11.15 19.52 -1.31
CA GLN B 37 -12.21 20.49 -1.11
C GLN B 37 -11.66 21.79 -0.52
N LYS B 38 -10.76 21.65 0.45
CA LYS B 38 -10.18 22.78 1.14
C LYS B 38 -8.98 23.39 0.39
N ASN B 39 -8.62 22.75 -0.73
CA ASN B 39 -7.50 23.19 -1.58
C ASN B 39 -6.16 23.19 -0.85
N TYR B 40 -5.97 22.20 0.01
CA TYR B 40 -4.73 22.03 0.75
C TYR B 40 -3.71 21.29 -0.11
N PRO B 41 -2.45 21.21 0.35
CA PRO B 41 -1.42 20.44 -0.35
C PRO B 41 -1.88 19.00 -0.55
N LYS B 42 -1.70 18.48 -1.76
CA LYS B 42 -2.09 17.12 -2.08
C LYS B 42 -1.01 16.14 -1.63
N PHE B 43 -0.68 16.22 -0.34
CA PHE B 43 0.45 15.51 0.24
C PHE B 43 0.21 15.26 1.73
N VAL B 44 0.37 14.01 2.16
CA VAL B 44 0.22 13.66 3.56
C VAL B 44 1.35 12.77 4.06
N ILE B 45 1.45 12.66 5.37
CA ILE B 45 2.51 11.88 5.98
C ILE B 45 1.90 10.74 6.78
N VAL B 46 2.46 9.54 6.64
CA VAL B 46 1.96 8.39 7.38
C VAL B 46 3.07 7.72 8.22
N GLY B 47 2.69 7.22 9.38
CA GLY B 47 3.58 6.45 10.25
C GLY B 47 2.78 5.37 10.96
N GLN B 48 3.49 4.48 11.65
CA GLN B 48 2.86 3.36 12.36
C GLN B 48 3.69 2.90 13.55
N ASP B 49 3.07 2.14 14.45
CA ASP B 49 3.85 1.49 15.50
C ASP B 49 4.26 0.10 15.02
N THR B 50 4.50 -0.82 15.95
CA THR B 50 5.02 -2.15 15.62
C THR B 50 3.99 -3.27 15.40
N ARG B 51 2.71 -2.97 15.54
CA ARG B 51 1.67 -4.00 15.41
C ARG B 51 1.71 -4.57 13.99
N SER B 52 1.65 -5.89 13.89
CA SER B 52 1.69 -6.58 12.59
C SER B 52 0.53 -6.26 11.69
N SER B 53 -0.57 -5.77 12.26
CA SER B 53 -1.74 -5.39 11.48
C SER B 53 -1.57 -4.00 10.88
N GLY B 54 -0.58 -3.26 11.36
CA GLY B 54 -0.34 -1.89 10.94
C GLY B 54 -0.13 -1.77 9.44
N GLY B 55 0.66 -2.67 8.89
CA GLY B 55 0.96 -2.66 7.46
C GLY B 55 -0.25 -2.68 6.56
N PHE B 56 -1.11 -3.70 6.70
CA PHE B 56 -2.25 -3.82 5.82
C PHE B 56 -3.28 -2.71 6.02
N LEU B 57 -3.41 -2.24 7.25
CA LEU B 57 -4.30 -1.13 7.54
C LEU B 57 -3.74 0.14 6.90
N LYS B 58 -2.42 0.29 6.94
CA LYS B 58 -1.75 1.41 6.31
C LYS B 58 -1.98 1.42 4.81
N PHE B 59 -1.70 0.29 4.15
CA PHE B 59 -1.88 0.24 2.71
C PHE B 59 -3.34 0.43 2.27
N ALA B 60 -4.27 -0.01 3.12
CA ALA B 60 -5.69 0.26 2.91
C ALA B 60 -5.91 1.77 2.90
N LEU B 61 -5.38 2.46 3.91
CA LEU B 61 -5.49 3.92 4.00
C LEU B 61 -4.90 4.56 2.74
N VAL B 62 -3.69 4.14 2.41
CA VAL B 62 -2.96 4.67 1.27
C VAL B 62 -3.71 4.54 -0.05
N SER B 63 -4.36 3.40 -0.27
CA SER B 63 -5.10 3.20 -1.52
C SER B 63 -6.25 4.18 -1.58
N GLY B 64 -6.85 4.46 -0.42
CA GLY B 64 -7.92 5.45 -0.33
C GLY B 64 -7.40 6.84 -0.67
N LEU B 65 -6.27 7.20 -0.06
CA LEU B 65 -5.66 8.50 -0.30
C LEU B 65 -5.26 8.67 -1.76
N ASN B 66 -4.48 7.73 -2.29
CA ASN B 66 -4.01 7.81 -3.67
C ASN B 66 -5.16 7.98 -4.65
N ALA B 67 -6.22 7.20 -4.46
CA ALA B 67 -7.40 7.28 -5.31
C ALA B 67 -7.95 8.70 -5.33
N ALA B 68 -7.87 9.38 -4.18
CA ALA B 68 -8.32 10.75 -4.03
C ALA B 68 -7.40 11.76 -4.71
N GLY B 69 -6.16 11.37 -4.98
CA GLY B 69 -5.20 12.24 -5.66
C GLY B 69 -4.10 12.74 -4.75
N ILE B 70 -4.02 12.14 -3.56
CA ILE B 70 -3.07 12.58 -2.53
C ILE B 70 -1.82 11.71 -2.47
N ASP B 71 -0.66 12.37 -2.42
CA ASP B 71 0.62 11.70 -2.28
C ASP B 71 0.88 11.37 -0.82
N VAL B 72 1.52 10.22 -0.60
CA VAL B 72 1.84 9.76 0.74
C VAL B 72 3.35 9.60 0.87
N LEU B 73 3.92 10.15 1.94
CA LEU B 73 5.31 9.90 2.33
C LEU B 73 5.29 9.00 3.57
N ASP B 74 5.89 7.82 3.46
CA ASP B 74 5.85 6.84 4.55
C ASP B 74 7.08 6.96 5.43
N LEU B 75 6.88 7.16 6.74
CA LEU B 75 8.00 7.26 7.68
C LEU B 75 8.26 5.91 8.31
N GLY B 76 7.43 4.92 7.96
CA GLY B 76 7.54 3.58 8.50
C GLY B 76 7.15 3.50 9.97
N VAL B 77 7.98 2.81 10.75
CA VAL B 77 7.74 2.65 12.18
C VAL B 77 8.40 3.77 12.99
N VAL B 78 7.57 4.74 13.40
CA VAL B 78 8.03 5.86 14.21
C VAL B 78 7.00 6.21 15.28
N PRO B 79 7.45 6.80 16.39
CA PRO B 79 6.50 7.27 17.39
C PRO B 79 5.54 8.30 16.82
N THR B 80 4.34 8.33 17.39
CA THR B 80 3.29 9.27 17.02
C THR B 80 3.76 10.71 16.87
N PRO B 81 4.49 11.24 17.86
CA PRO B 81 4.98 12.62 17.80
C PRO B 81 5.85 12.94 16.58
N VAL B 82 6.51 11.93 16.02
CA VAL B 82 7.35 12.11 14.83
C VAL B 82 6.51 12.44 13.58
N VAL B 83 5.39 11.75 13.43
CA VAL B 83 4.46 12.03 12.33
C VAL B 83 3.91 13.45 12.42
N ALA B 84 3.52 13.87 13.62
CA ALA B 84 3.07 15.25 13.83
C ALA B 84 4.20 16.22 13.48
N PHE B 85 5.40 15.93 13.96
CA PHE B 85 6.58 16.76 13.71
C PHE B 85 6.82 17.00 12.21
N MSE B 86 6.85 15.92 11.44
CA MSE B 86 7.10 15.99 9.99
C MSE B 86 5.95 16.66 9.26
O MSE B 86 6.16 17.35 8.25
CB MSE B 86 7.35 14.58 9.43
CG MSE B 86 8.58 13.91 10.02
SE MSE B 86 10.20 14.75 9.31
CE MSE B 86 10.16 13.92 7.54
N THR B 87 4.74 16.45 9.77
CA THR B 87 3.54 17.08 9.23
C THR B 87 3.64 18.60 9.29
N VAL B 88 4.15 19.12 10.39
CA VAL B 88 4.35 20.57 10.52
C VAL B 88 5.57 21.02 9.73
N LYS B 89 6.69 20.32 9.92
CA LYS B 89 7.95 20.69 9.28
C LYS B 89 7.77 20.82 7.77
N HIS B 90 7.31 19.74 7.13
CA HIS B 90 7.04 19.73 5.71
C HIS B 90 5.62 20.24 5.50
N ARG B 91 5.25 20.54 4.26
CA ARG B 91 3.98 21.20 4.04
C ARG B 91 2.87 20.23 3.70
N ALA B 92 2.70 19.25 4.58
CA ALA B 92 1.69 18.25 4.46
C ALA B 92 0.34 18.81 4.90
N ALA B 93 -0.73 18.29 4.32
CA ALA B 93 -2.09 18.69 4.65
C ALA B 93 -2.57 18.00 5.93
N ALA B 94 -2.04 16.81 6.17
CA ALA B 94 -2.40 16.01 7.33
C ALA B 94 -1.35 14.94 7.62
N GLY B 95 -1.52 14.26 8.75
CA GLY B 95 -0.61 13.21 9.16
C GLY B 95 -1.42 12.08 9.78
N PHE B 96 -1.07 10.84 9.45
CA PHE B 96 -1.78 9.68 9.98
C PHE B 96 -0.82 8.80 10.78
N VAL B 97 -1.34 8.18 11.83
CA VAL B 97 -0.57 7.20 12.58
C VAL B 97 -1.42 5.97 12.77
N ILE B 98 -0.97 4.85 12.21
CA ILE B 98 -1.67 3.59 12.42
C ILE B 98 -1.20 3.06 13.77
N THR B 99 -2.04 3.28 14.79
CA THR B 99 -1.71 2.86 16.13
C THR B 99 -2.95 2.77 17.02
N ALA B 100 -2.84 1.97 18.07
CA ALA B 100 -3.85 1.91 19.11
C ALA B 100 -3.17 2.31 20.42
N SEP B 101 -2.01 2.95 20.30
CA SEP B 101 -1.36 3.58 21.44
CB SEP B 101 -2.30 4.69 21.97
OG SEP B 101 -1.63 5.58 22.83
C SEP B 101 -0.98 2.58 22.56
O SEP B 101 -0.18 1.67 22.36
P SEP B 101 -2.71 6.35 23.76
O1P SEP B 101 -3.74 5.32 24.46
O2P SEP B 101 -3.58 7.36 22.85
O3P SEP B 101 -1.91 7.18 24.89
N HIS B 102 -1.58 2.74 23.73
CA HIS B 102 -1.29 1.87 24.86
C HIS B 102 -2.10 0.57 24.85
N ASN B 103 -3.06 0.48 23.94
CA ASN B 103 -3.96 -0.69 23.87
C ASN B 103 -3.27 -2.03 23.60
N LYS B 104 -3.93 -3.11 24.04
CA LYS B 104 -3.48 -4.48 23.81
C LYS B 104 -3.12 -4.70 22.34
N PHE B 105 -2.24 -5.66 22.10
CA PHE B 105 -1.70 -5.92 20.76
C PHE B 105 -2.71 -6.31 19.68
N THR B 106 -3.92 -6.71 20.08
CA THR B 106 -4.96 -7.11 19.14
C THR B 106 -5.80 -5.94 18.63
N ASP B 107 -5.55 -4.75 19.18
CA ASP B 107 -6.22 -3.54 18.74
C ASP B 107 -5.36 -2.78 17.75
N ASN B 108 -5.98 -1.85 17.03
CA ASN B 108 -5.28 -0.88 16.22
C ASN B 108 -6.25 0.27 15.94
N GLY B 109 -5.78 1.29 15.24
CA GLY B 109 -6.64 2.42 14.94
C GLY B 109 -5.85 3.45 14.16
N ILE B 110 -6.42 4.65 14.06
CA ILE B 110 -5.79 5.74 13.33
C ILE B 110 -5.82 7.02 14.16
N LYS B 111 -4.68 7.67 14.31
CA LYS B 111 -4.63 9.00 14.89
C LYS B 111 -4.44 10.02 13.76
N LEU B 112 -5.20 11.11 13.82
CA LEU B 112 -5.15 12.11 12.77
C LEU B 112 -4.63 13.46 13.22
N PHE B 113 -3.74 14.03 12.41
CA PHE B 113 -3.16 15.35 12.69
C PHE B 113 -3.39 16.28 11.52
N SER B 114 -3.75 17.52 11.81
CA SER B 114 -3.96 18.50 10.75
C SER B 114 -2.61 19.11 10.34
N SER B 115 -2.64 20.00 9.34
CA SER B 115 -1.41 20.60 8.84
C SER B 115 -0.64 21.38 9.91
N ASN B 116 -1.37 21.88 10.90
CA ASN B 116 -0.73 22.60 12.00
C ASN B 116 -0.09 21.63 13.02
N GLY B 117 -0.30 20.34 12.81
CA GLY B 117 0.32 19.31 13.63
C GLY B 117 -0.48 18.91 14.86
N PHE B 118 -1.70 19.42 14.96
CA PHE B 118 -2.54 19.13 16.10
C PHE B 118 -3.57 18.02 15.81
N LYS B 119 -3.90 17.26 16.84
CA LYS B 119 -4.91 16.22 16.75
C LYS B 119 -6.23 16.83 16.30
N LEU B 120 -6.92 16.17 15.38
CA LEU B 120 -8.19 16.67 14.87
C LEU B 120 -9.12 17.14 15.98
N ASP B 121 -9.83 18.24 15.75
CA ASP B 121 -10.78 18.76 16.73
C ASP B 121 -12.19 18.23 16.47
N ASP B 122 -13.10 18.46 17.42
CA ASP B 122 -14.46 17.94 17.36
C ASP B 122 -15.15 18.23 16.03
N ALA B 123 -14.97 19.44 15.52
CA ALA B 123 -15.60 19.86 14.27
C ALA B 123 -14.99 19.17 13.05
N LEU B 124 -13.68 18.99 13.05
CA LEU B 124 -13.00 18.33 11.93
C LEU B 124 -13.33 16.83 11.85
N GLU B 125 -13.45 16.20 13.01
CA GLU B 125 -13.83 14.78 13.09
C GLU B 125 -15.19 14.52 12.48
N GLU B 126 -16.13 15.44 12.71
CA GLU B 126 -17.49 15.26 12.18
C GLU B 126 -17.54 15.52 10.68
N GLU B 127 -16.61 16.33 10.19
CA GLU B 127 -16.54 16.63 8.77
C GLU B 127 -16.03 15.40 8.02
N VAL B 128 -15.03 14.75 8.62
CA VAL B 128 -14.49 13.48 8.12
C VAL B 128 -15.55 12.38 8.05
N GLU B 129 -16.32 12.25 9.15
CA GLU B 129 -17.34 11.20 9.27
C GLU B 129 -18.47 11.36 8.27
N ASP B 130 -18.80 12.62 7.95
CA ASP B 130 -19.83 12.90 6.95
C ASP B 130 -19.36 12.40 5.59
N MSE B 131 -18.07 12.59 5.31
CA MSE B 131 -17.46 12.12 4.07
C MSE B 131 -17.43 10.61 3.99
O MSE B 131 -17.71 10.03 2.94
CB MSE B 131 -16.04 12.67 3.96
CG MSE B 131 -15.94 14.12 3.49
SE MSE B 131 -16.37 14.38 1.59
CE MSE B 131 -18.34 14.39 1.68
N ILE B 132 -17.04 9.97 5.09
CA ILE B 132 -16.93 8.52 5.14
C ILE B 132 -18.25 7.86 4.77
N ASP B 133 -19.34 8.39 5.35
CA ASP B 133 -20.67 7.90 5.05
C ASP B 133 -21.14 8.35 3.66
N GLY B 134 -20.29 9.11 2.98
CA GLY B 134 -20.56 9.55 1.61
C GLY B 134 -20.21 8.45 0.63
N ASP B 135 -19.85 8.83 -0.58
CA ASP B 135 -19.42 7.87 -1.59
C ASP B 135 -17.91 7.90 -1.71
N PHE B 136 -17.34 6.80 -2.19
CA PHE B 136 -15.93 6.75 -2.51
C PHE B 136 -15.74 7.62 -3.75
N ILE B 137 -14.79 8.55 -3.70
CA ILE B 137 -14.55 9.50 -4.79
C ILE B 137 -13.17 9.28 -5.43
N TYR B 138 -13.14 9.19 -6.76
CA TYR B 138 -11.89 9.05 -7.51
C TYR B 138 -11.52 10.41 -8.13
N GLN B 139 -10.28 10.85 -7.93
CA GLN B 139 -9.84 12.13 -8.46
C GLN B 139 -10.28 12.26 -9.92
N PRO B 140 -11.19 13.22 -10.20
CA PRO B 140 -11.88 13.41 -11.48
C PRO B 140 -10.98 13.58 -12.71
N GLN B 141 -9.76 14.07 -12.51
CA GLN B 141 -8.84 14.31 -13.62
C GLN B 141 -7.79 13.22 -13.73
N PHE B 142 -8.02 12.11 -13.04
CA PHE B 142 -7.08 10.97 -13.05
C PHE B 142 -5.69 11.29 -12.52
N LYS B 143 -5.56 12.40 -11.80
CA LYS B 143 -4.28 12.76 -11.20
C LYS B 143 -4.16 12.02 -9.88
N PHE B 144 -3.92 10.71 -9.95
CA PHE B 144 -3.86 9.88 -8.76
C PHE B 144 -2.53 10.02 -8.03
N GLY B 145 -2.52 9.73 -6.74
CA GLY B 145 -1.35 9.96 -5.90
C GLY B 145 -0.26 8.91 -5.90
N SER B 146 0.93 9.32 -5.50
CA SER B 146 2.08 8.43 -5.41
C SER B 146 2.34 8.01 -3.96
N TYR B 147 3.24 7.04 -3.79
CA TYR B 147 3.64 6.55 -2.46
C TYR B 147 5.16 6.41 -2.46
N LYS B 148 5.80 7.05 -1.48
CA LYS B 148 7.25 6.94 -1.30
C LYS B 148 7.57 6.71 0.16
N ILE B 149 8.60 5.90 0.39
CA ILE B 149 9.08 5.62 1.73
C ILE B 149 10.27 6.54 1.97
N LEU B 150 10.26 7.28 3.07
CA LEU B 150 11.38 8.15 3.39
C LEU B 150 12.49 7.34 4.03
N ALA B 151 13.70 7.45 3.49
CA ALA B 151 14.84 6.73 4.07
C ALA B 151 15.34 7.48 5.31
N ASN B 152 15.83 6.74 6.31
CA ASN B 152 16.34 7.35 7.53
C ASN B 152 15.31 8.36 8.07
N ALA B 153 14.06 7.91 8.18
CA ALA B 153 12.93 8.77 8.49
C ALA B 153 13.03 9.56 9.79
N ILE B 154 13.66 8.95 10.80
CA ILE B 154 13.76 9.54 12.12
C ILE B 154 14.83 10.64 12.23
N ASP B 155 15.78 10.65 11.29
CA ASP B 155 16.90 11.61 11.30
C ASP B 155 16.55 13.08 11.61
N GLU B 156 15.63 13.66 10.86
CA GLU B 156 15.22 15.06 11.06
C GLU B 156 14.73 15.37 12.47
N TYR B 157 13.86 14.52 13.00
CA TYR B 157 13.34 14.65 14.36
C TYR B 157 14.47 14.54 15.38
N ILE B 158 15.34 13.55 15.20
CA ILE B 158 16.48 13.34 16.11
C ILE B 158 17.34 14.58 16.15
N GLU B 159 17.83 15.01 14.98
CA GLU B 159 18.66 16.21 14.89
C GLU B 159 17.99 17.48 15.41
N SER B 160 16.69 17.61 15.18
CA SER B 160 15.95 18.75 15.72
C SER B 160 16.07 18.78 17.24
N ILE B 161 15.87 17.63 17.89
CA ILE B 161 15.97 17.51 19.35
C ILE B 161 17.41 17.68 19.86
N TYR B 162 18.37 17.15 19.11
CA TYR B 162 19.78 17.25 19.49
C TYR B 162 20.27 18.69 19.45
N SER B 163 20.02 19.37 18.34
CA SER B 163 20.45 20.75 18.17
C SER B 163 19.92 21.67 19.27
N ARG B 164 18.77 21.33 19.84
CA ARG B 164 18.18 22.14 20.90
C ARG B 164 18.68 21.81 22.31
N PHE B 165 19.02 20.55 22.55
CA PHE B 165 19.40 20.11 23.90
C PHE B 165 20.84 19.67 24.12
N ALA B 166 21.59 19.49 23.04
CA ALA B 166 22.99 19.06 23.16
C ALA B 166 23.77 19.93 24.16
N LYS B 167 23.48 21.23 24.19
CA LYS B 167 24.16 22.16 25.09
C LYS B 167 23.83 21.94 26.56
N PHE B 168 22.69 21.31 26.84
CA PHE B 168 22.23 21.09 28.22
C PHE B 168 22.50 19.69 28.76
N VAL B 169 22.42 18.70 27.87
CA VAL B 169 22.55 17.31 28.27
C VAL B 169 23.99 16.91 28.58
N ASN B 170 24.18 16.41 29.78
CA ASN B 170 25.49 16.00 30.26
C ASN B 170 25.30 14.91 31.31
N TYR B 171 24.39 13.98 31.01
CA TYR B 171 23.99 12.95 31.97
C TYR B 171 24.92 11.73 31.96
N LYS B 172 25.41 11.38 33.15
CA LYS B 172 26.41 10.32 33.28
C LYS B 172 25.90 9.13 34.11
N GLY B 173 24.61 9.14 34.42
CA GLY B 173 24.00 8.05 35.17
C GLY B 173 23.59 6.90 34.27
N LYS B 174 23.16 5.80 34.89
CA LYS B 174 22.76 4.59 34.17
C LYS B 174 21.26 4.57 33.99
N VAL B 175 20.80 4.47 32.75
CA VAL B 175 19.37 4.53 32.42
C VAL B 175 18.82 3.21 31.88
N VAL B 176 17.70 2.75 32.42
CA VAL B 176 16.99 1.61 31.86
C VAL B 176 15.83 2.10 31.01
N VAL B 177 15.82 1.75 29.73
CA VAL B 177 14.76 2.19 28.85
C VAL B 177 13.81 1.07 28.43
N ASP B 178 12.54 1.30 28.70
CA ASP B 178 11.49 0.36 28.32
C ASP B 178 10.71 1.00 27.18
N CYS B 179 10.84 0.43 25.98
CA CYS B 179 10.17 0.99 24.80
C CYS B 179 8.87 0.28 24.42
N ALA B 180 8.37 -0.58 25.32
CA ALA B 180 7.09 -1.27 25.14
C ALA B 180 7.05 -2.17 23.92
N HIS B 181 8.22 -2.48 23.36
CA HIS B 181 8.30 -3.19 22.09
C HIS B 181 7.50 -2.43 21.05
N GLY B 182 7.37 -1.11 21.25
CA GLY B 182 6.55 -0.25 20.39
C GLY B 182 7.34 0.64 19.45
N ALA B 183 6.68 1.63 18.85
CA ALA B 183 7.29 2.53 17.86
C ALA B 183 8.63 3.13 18.30
N ALA B 184 8.81 3.36 19.59
CA ALA B 184 10.06 3.93 20.09
C ALA B 184 11.24 2.94 20.05
N SER B 185 10.97 1.65 19.80
CA SER B 185 12.04 0.65 19.68
C SER B 185 13.06 1.10 18.64
N HIS B 186 14.34 1.10 19.05
CA HIS B 186 15.47 1.52 18.21
C HIS B 186 15.53 3.03 17.98
N ASN B 187 14.39 3.64 17.67
CA ASN B 187 14.31 5.08 17.47
C ASN B 187 14.74 5.82 18.75
N PHE B 188 14.27 5.35 19.90
CA PHE B 188 14.66 5.99 21.16
C PHE B 188 16.14 5.81 21.47
N GLU B 189 16.67 4.61 21.27
CA GLU B 189 18.09 4.35 21.48
C GLU B 189 18.98 5.18 20.55
N ALA B 190 18.55 5.38 19.30
CA ALA B 190 19.32 6.21 18.38
C ALA B 190 19.38 7.66 18.85
N LEU B 191 18.31 8.12 19.48
CA LEU B 191 18.26 9.47 20.04
C LEU B 191 19.20 9.57 21.23
N LEU B 192 19.14 8.56 22.10
CA LEU B 192 19.98 8.51 23.29
C LEU B 192 21.47 8.45 22.95
N ASP B 193 21.84 7.64 21.96
CA ASP B 193 23.24 7.55 21.50
C ASP B 193 23.81 8.90 21.06
N LYS B 194 22.96 9.70 20.43
CA LYS B 194 23.32 11.01 19.95
C LYS B 194 23.83 11.87 21.12
N PHE B 195 23.33 11.59 22.33
CA PHE B 195 23.76 12.30 23.54
C PHE B 195 24.79 11.54 24.37
N GLY B 196 25.28 10.43 23.83
CA GLY B 196 26.24 9.59 24.56
C GLY B 196 25.69 9.09 25.89
N ILE B 197 24.41 8.75 25.93
CA ILE B 197 23.77 8.27 27.16
C ILE B 197 24.06 6.80 27.46
N ASN B 198 24.42 6.52 28.71
CA ASN B 198 24.64 5.15 29.16
C ASN B 198 23.31 4.47 29.54
N TYR B 199 22.74 3.72 28.59
CA TYR B 199 21.42 3.11 28.80
C TYR B 199 21.38 1.59 28.62
N VAL B 200 20.27 1.00 29.06
CA VAL B 200 19.99 -0.43 28.92
C VAL B 200 18.54 -0.62 28.47
N SER B 201 18.36 -1.31 27.35
CA SER B 201 17.01 -1.57 26.82
C SER B 201 16.44 -2.88 27.34
N ILE B 202 15.15 -2.89 27.68
CA ILE B 202 14.52 -4.12 28.16
C ILE B 202 13.29 -4.54 27.35
N ALA B 203 12.84 -3.68 26.44
CA ALA B 203 11.70 -3.98 25.60
C ALA B 203 11.76 -3.25 24.27
N SER B 204 12.79 -3.55 23.49
CA SER B 204 12.94 -3.00 22.14
C SER B 204 13.15 -4.13 21.15
N ASN B 205 12.25 -5.11 21.18
CA ASN B 205 12.35 -6.27 20.31
C ASN B 205 10.97 -6.68 19.80
N PRO B 206 10.33 -5.80 19.01
CA PRO B 206 9.00 -6.07 18.51
C PRO B 206 8.95 -7.27 17.57
N ASP B 207 7.91 -8.09 17.69
CA ASP B 207 7.72 -9.20 16.78
C ASP B 207 6.35 -9.07 16.11
N GLY B 208 5.74 -7.89 16.28
CA GLY B 208 4.43 -7.60 15.70
C GLY B 208 3.27 -7.97 16.61
N LEU B 209 3.57 -8.69 17.68
CA LEU B 209 2.53 -9.16 18.59
C LEU B 209 2.81 -8.94 20.08
N ASN B 210 3.93 -8.29 20.40
CA ASN B 210 4.33 -8.12 21.78
C ASN B 210 4.28 -6.68 22.29
N ILE B 211 3.60 -5.81 21.54
CA ILE B 211 3.50 -4.40 21.91
C ILE B 211 2.68 -4.22 23.19
N ASN B 212 3.27 -3.53 24.17
CA ASN B 212 2.62 -3.27 25.47
C ASN B 212 2.37 -4.52 26.34
N VAL B 213 2.83 -5.68 25.90
CA VAL B 213 2.64 -6.91 26.66
C VAL B 213 3.56 -6.96 27.89
N GLY B 214 2.98 -6.69 29.06
CA GLY B 214 3.73 -6.70 30.31
C GLY B 214 4.93 -5.76 30.32
N CYS B 215 4.81 -4.66 29.57
CA CYS B 215 5.90 -3.68 29.46
C CYS B 215 5.36 -2.32 28.99
N GLY B 216 6.24 -1.33 29.00
CA GLY B 216 5.86 0.02 28.58
C GLY B 216 5.24 0.81 29.72
N ALA B 217 4.77 2.01 29.40
CA ALA B 217 4.27 2.96 30.40
C ALA B 217 3.04 2.49 31.17
N THR B 218 2.26 1.60 30.56
CA THR B 218 1.07 1.10 31.24
C THR B 218 1.35 -0.16 32.06
N CYS B 219 2.62 -0.54 32.14
CA CYS B 219 3.06 -1.64 33.03
C CYS B 219 4.36 -1.20 33.70
N VAL B 220 4.22 -0.22 34.60
CA VAL B 220 5.35 0.43 35.26
C VAL B 220 6.13 -0.52 36.17
N SER B 221 5.53 -1.68 36.47
CA SER B 221 6.18 -2.72 37.25
C SER B 221 7.45 -3.23 36.58
N ASN B 222 7.42 -3.28 35.25
CA ASN B 222 8.55 -3.75 34.45
C ASN B 222 9.79 -2.89 34.65
N ILE B 223 9.61 -1.57 34.49
CA ILE B 223 10.73 -0.64 34.59
C ILE B 223 11.25 -0.50 36.03
N LYS B 224 10.35 -0.62 36.99
CA LYS B 224 10.70 -0.54 38.40
C LYS B 224 11.56 -1.72 38.84
N LYS B 225 11.24 -2.91 38.34
CA LYS B 225 12.03 -4.10 38.67
C LYS B 225 13.37 -4.06 37.96
N ALA B 226 13.36 -3.65 36.69
CA ALA B 226 14.58 -3.54 35.90
C ALA B 226 15.57 -2.56 36.51
N VAL B 227 15.09 -1.40 36.97
CA VAL B 227 15.95 -0.40 37.59
C VAL B 227 16.62 -0.95 38.84
N LYS B 228 15.84 -1.61 39.71
CA LYS B 228 16.37 -2.21 40.93
C LYS B 228 17.39 -3.29 40.58
N GLU B 229 17.00 -4.17 39.66
CA GLU B 229 17.87 -5.25 39.17
C GLU B 229 19.17 -4.70 38.61
N GLN B 230 19.05 -3.73 37.70
CA GLN B 230 20.21 -3.14 37.04
C GLN B 230 20.95 -2.12 37.91
N LYS B 231 20.45 -1.88 39.13
CA LYS B 231 21.01 -0.82 40.00
C LYS B 231 21.22 0.47 39.20
N ALA B 232 20.21 0.84 38.43
CA ALA B 232 20.28 2.02 37.58
C ALA B 232 19.95 3.31 38.34
N ASP B 233 20.27 4.45 37.73
CA ASP B 233 20.03 5.74 38.35
C ASP B 233 18.69 6.34 37.92
N LEU B 234 18.14 5.77 36.84
CA LEU B 234 16.90 6.26 36.23
C LEU B 234 16.27 5.21 35.33
N GLY B 235 14.95 5.16 35.32
CA GLY B 235 14.21 4.29 34.42
C GLY B 235 13.23 5.10 33.60
N ILE B 236 13.21 4.87 32.29
CA ILE B 236 12.30 5.60 31.42
C ILE B 236 11.45 4.59 30.67
N SER B 237 10.14 4.73 30.82
CA SER B 237 9.20 3.82 30.20
C SER B 237 8.22 4.56 29.28
N LEU B 238 8.12 4.09 28.05
CA LEU B 238 7.25 4.72 27.06
C LEU B 238 6.16 3.73 26.69
N ASP B 239 5.06 4.23 26.12
CA ASP B 239 4.01 3.32 25.69
C ASP B 239 4.12 2.99 24.19
N GLY B 240 3.18 2.19 23.69
CA GLY B 240 3.19 1.70 22.31
C GLY B 240 3.51 2.66 21.17
N ASP B 241 2.90 3.85 21.19
CA ASP B 241 3.19 4.87 20.17
C ASP B 241 4.10 5.97 20.71
N ALA B 242 4.45 5.84 22.00
CA ALA B 242 5.42 6.74 22.66
C ALA B 242 4.99 8.20 22.84
N ASP B 243 3.68 8.45 22.97
CA ASP B 243 3.22 9.80 23.28
C ASP B 243 2.97 9.91 24.79
N ARG B 244 3.23 8.80 25.48
CA ARG B 244 3.04 8.69 26.92
C ARG B 244 4.39 8.29 27.56
N ILE B 245 4.77 8.96 28.65
CA ILE B 245 6.01 8.64 29.36
C ILE B 245 5.83 8.59 30.88
N ILE B 246 6.45 7.58 31.49
CA ILE B 246 6.52 7.45 32.95
C ILE B 246 7.98 7.13 33.29
N ILE B 247 8.52 7.76 34.34
CA ILE B 247 9.88 7.48 34.79
C ILE B 247 9.93 6.97 36.23
N VAL B 248 11.05 6.35 36.60
CA VAL B 248 11.30 5.92 37.98
C VAL B 248 12.68 6.40 38.44
N ASP B 249 12.80 6.68 39.73
CA ASP B 249 14.04 7.19 40.30
C ASP B 249 15.01 6.04 40.67
N GLU B 250 16.08 6.37 41.39
CA GLU B 250 17.12 5.40 41.70
C GLU B 250 16.66 4.30 42.64
N ASN B 251 15.58 4.55 43.38
CA ASN B 251 15.03 3.54 44.29
C ASN B 251 13.83 2.82 43.67
N GLY B 252 13.71 2.89 42.35
CA GLY B 252 12.61 2.25 41.63
C GLY B 252 11.25 2.85 41.97
N GLN B 253 11.25 4.10 42.39
CA GLN B 253 10.01 4.79 42.73
C GLN B 253 9.44 5.52 41.51
N GLU B 254 8.17 5.27 41.23
CA GLU B 254 7.50 5.84 40.08
C GLU B 254 7.26 7.34 40.18
N ILE B 255 7.53 8.05 39.09
CA ILE B 255 7.19 9.47 38.97
C ILE B 255 6.31 9.58 37.73
N ASP B 256 5.03 9.91 37.94
CA ASP B 256 4.07 9.94 36.85
C ASP B 256 4.01 11.27 36.10
N GLY B 257 3.04 11.39 35.19
CA GLY B 257 2.86 12.62 34.41
C GLY B 257 2.76 13.88 35.24
N ASP B 258 2.12 13.79 36.41
CA ASP B 258 2.01 14.92 37.33
C ASP B 258 3.39 15.30 37.88
N GLY B 259 4.11 14.30 38.41
CA GLY B 259 5.46 14.51 38.93
C GLY B 259 6.43 14.99 37.88
N ILE B 260 6.33 14.46 36.66
CA ILE B 260 7.19 14.88 35.56
C ILE B 260 6.94 16.34 35.19
N LEU B 261 5.67 16.73 35.10
CA LEU B 261 5.29 18.08 34.74
C LEU B 261 5.79 19.07 35.80
N ASN B 262 5.73 18.65 37.05
CA ASN B 262 6.21 19.47 38.17
C ASN B 262 7.70 19.75 38.08
N ILE B 263 8.46 18.76 37.62
CA ILE B 263 9.91 18.92 37.44
C ILE B 263 10.23 19.87 36.28
N LEU B 264 9.58 19.68 35.14
CA LEU B 264 9.73 20.58 33.99
C LEU B 264 9.39 22.01 34.39
N ALA B 265 8.30 22.17 35.15
CA ALA B 265 7.83 23.48 35.59
C ALA B 265 8.90 24.20 36.39
N GLN B 266 9.69 23.41 37.11
CA GLN B 266 10.72 23.93 38.00
C GLN B 266 11.95 24.34 37.21
N TYR B 267 12.04 23.86 35.97
CA TYR B 267 13.14 24.20 35.06
C TYR B 267 12.56 24.61 33.71
N SER B 268 11.51 25.44 33.76
CA SER B 268 10.78 25.87 32.57
C SER B 268 11.61 26.67 31.57
N ASP B 269 12.65 27.36 32.03
CA ASP B 269 13.53 28.08 31.10
C ASP B 269 14.25 27.12 30.17
N ILE B 270 14.80 26.06 30.75
CA ILE B 270 15.48 24.98 29.99
C ILE B 270 14.49 24.25 29.08
N CYS B 271 13.21 24.29 29.45
CA CYS B 271 12.16 23.68 28.67
C CYS B 271 11.52 24.69 27.69
N GLY B 272 12.15 25.84 27.52
CA GLY B 272 11.72 26.85 26.55
C GLY B 272 10.91 28.02 27.09
N GLY B 273 10.37 27.87 28.30
CA GLY B 273 9.58 28.94 28.90
C GLY B 273 8.09 28.65 28.90
N THR B 274 7.42 29.14 29.92
CA THR B 274 5.97 28.99 30.04
C THR B 274 5.46 29.97 31.10
N ASN B 275 4.30 30.55 30.84
CA ASN B 275 3.69 31.50 31.77
C ASN B 275 2.86 30.77 32.82
N GLY B 276 2.58 29.50 32.55
CA GLY B 276 1.78 28.69 33.45
C GLY B 276 1.82 27.23 33.06
N ILE B 277 1.20 26.41 33.90
CA ILE B 277 1.18 24.98 33.74
C ILE B 277 -0.28 24.53 33.65
N VAL B 278 -0.58 23.66 32.69
CA VAL B 278 -1.93 23.11 32.56
C VAL B 278 -1.93 21.63 32.96
N GLY B 279 -2.75 21.30 33.96
CA GLY B 279 -2.97 19.93 34.42
C GLY B 279 -4.39 19.51 34.15
N THR B 280 -4.92 18.59 34.95
CA THR B 280 -6.29 18.12 34.76
C THR B 280 -7.06 18.02 36.08
N GLN B 281 -8.27 17.47 36.03
CA GLN B 281 -9.05 17.24 37.24
C GLN B 281 -8.39 16.17 38.10
N MSE B 282 -7.53 15.36 37.49
CA MSE B 282 -6.88 14.24 38.17
C MSE B 282 -5.54 14.57 38.81
O MSE B 282 -5.05 13.81 39.64
CB MSE B 282 -6.74 13.05 37.23
CG MSE B 282 -8.06 12.46 36.78
SE MSE B 282 -9.21 11.91 38.26
CE MSE B 282 -8.05 10.54 39.06
N THR B 283 -4.93 15.70 38.43
CA THR B 283 -3.64 16.13 39.00
C THR B 283 -3.68 16.14 40.52
N ASN B 284 -2.64 15.59 41.15
CA ASN B 284 -2.59 15.52 42.62
C ASN B 284 -2.49 16.92 43.22
N MSE B 285 -3.31 17.19 44.22
CA MSE B 285 -3.34 18.52 44.84
C MSE B 285 -2.01 18.93 45.45
O MSE B 285 -1.74 20.12 45.60
CB MSE B 285 -4.45 18.60 45.89
CG MSE B 285 -4.81 20.01 46.30
SE MSE B 285 -6.20 19.98 47.64
CE MSE B 285 -6.53 21.90 47.84
N SER B 286 -1.18 17.96 45.82
CA SER B 286 0.16 18.23 46.32
C SER B 286 0.92 19.09 45.30
N TYR B 287 0.66 18.86 44.02
CA TYR B 287 1.26 19.66 42.96
C TYR B 287 0.59 21.03 42.84
N GLU B 288 -0.74 21.06 42.97
CA GLU B 288 -1.48 22.32 42.93
C GLU B 288 -0.99 23.26 44.03
N ASN B 289 -0.82 22.71 45.23
CA ASN B 289 -0.30 23.45 46.37
C ASN B 289 1.12 23.95 46.12
N HIS B 290 1.94 23.11 45.49
CA HIS B 290 3.32 23.44 45.18
C HIS B 290 3.40 24.57 44.16
N TYR B 291 2.54 24.54 43.15
CA TYR B 291 2.52 25.59 42.13
C TYR B 291 2.15 26.94 42.74
N ARG B 292 1.16 26.94 43.62
CA ARG B 292 0.70 28.16 44.28
C ARG B 292 1.79 28.73 45.19
N ALA B 293 2.49 27.84 45.90
CA ALA B 293 3.55 28.25 46.82
C ALA B 293 4.73 28.90 46.08
N ASN B 294 4.91 28.52 44.82
CA ASN B 294 5.98 29.09 43.99
C ASN B 294 5.50 30.07 42.93
N LYS B 295 4.29 30.60 43.11
CA LYS B 295 3.73 31.61 42.23
C LYS B 295 3.68 31.19 40.76
N ILE B 296 3.36 29.93 40.53
CA ILE B 296 3.23 29.41 39.17
C ILE B 296 1.76 29.15 38.88
N PRO B 297 1.18 29.88 37.91
CA PRO B 297 -0.21 29.70 37.52
C PRO B 297 -0.51 28.27 37.09
N PHE B 298 -1.60 27.71 37.60
CA PHE B 298 -1.96 26.31 37.34
C PHE B 298 -3.43 26.20 36.94
N ILE B 299 -3.68 25.42 35.88
CA ILE B 299 -5.03 25.23 35.37
C ILE B 299 -5.38 23.75 35.36
N ARG B 300 -6.52 23.40 35.92
CA ARG B 300 -7.00 22.03 35.87
C ARG B 300 -7.89 21.93 34.64
N SER B 301 -7.45 21.16 33.66
CA SER B 301 -8.20 21.00 32.43
C SER B 301 -9.38 20.06 32.60
N LYS B 302 -10.32 20.10 31.66
CA LYS B 302 -11.53 19.29 31.70
C LYS B 302 -11.27 17.79 31.44
N VAL B 303 -10.15 17.30 31.98
CA VAL B 303 -9.77 15.88 31.94
C VAL B 303 -9.53 15.20 30.58
N GLY B 304 -8.25 15.06 30.24
CA GLY B 304 -7.83 14.27 29.09
C GLY B 304 -8.26 14.68 27.70
N ASP B 305 -8.20 13.70 26.79
CA ASP B 305 -8.45 13.85 25.34
C ASP B 305 -8.57 15.26 24.75
N ARG B 306 -7.42 15.84 24.42
CA ARG B 306 -7.31 17.13 23.72
C ARG B 306 -7.65 18.39 24.52
N TYR B 307 -8.17 18.24 25.73
CA TYR B 307 -8.55 19.39 26.55
C TYR B 307 -7.34 20.14 27.08
N VAL B 308 -6.28 19.41 27.43
CA VAL B 308 -5.04 20.01 27.92
C VAL B 308 -4.44 20.93 26.84
N LEU B 309 -4.54 20.50 25.59
CA LEU B 309 -4.02 21.26 24.46
C LEU B 309 -4.83 22.53 24.24
N GLU B 310 -6.14 22.38 24.18
CA GLU B 310 -7.04 23.51 23.99
C GLU B 310 -6.89 24.54 25.11
N ASP B 311 -6.63 24.07 26.32
CA ASP B 311 -6.39 24.97 27.46
C ASP B 311 -5.04 25.68 27.39
N LEU B 312 -4.02 24.97 26.91
CA LEU B 312 -2.69 25.55 26.72
C LEU B 312 -2.75 26.71 25.73
N VAL B 313 -3.42 26.47 24.61
CA VAL B 313 -3.58 27.47 23.56
C VAL B 313 -4.44 28.64 24.05
N LYS B 314 -5.47 28.33 24.83
CA LYS B 314 -6.38 29.36 25.35
C LYS B 314 -5.66 30.36 26.28
N TYR B 315 -4.74 29.86 27.10
CA TYR B 315 -4.07 30.69 28.10
C TYR B 315 -2.69 31.19 27.72
N GLY B 316 -2.20 30.73 26.57
CA GLY B 316 -0.85 31.06 26.13
C GLY B 316 0.22 30.38 26.96
N TYR B 317 -0.08 29.18 27.45
CA TYR B 317 0.90 28.40 28.22
C TYR B 317 1.53 27.36 27.30
N LYS B 318 2.74 26.90 27.65
CA LYS B 318 3.49 25.98 26.78
C LYS B 318 3.57 24.56 27.31
N ILE B 319 3.73 24.45 28.62
CA ILE B 319 3.96 23.15 29.24
C ILE B 319 2.73 22.66 29.99
N GLY B 320 2.18 21.55 29.52
CA GLY B 320 1.00 20.94 30.11
C GLY B 320 1.10 19.43 29.98
N GLY B 321 0.38 18.73 30.85
CA GLY B 321 0.45 17.28 30.83
C GLY B 321 -0.59 16.62 31.70
N GLU B 322 -0.66 15.30 31.62
CA GLU B 322 -1.61 14.58 32.44
C GLU B 322 -0.96 13.44 33.21
N SER B 323 -1.73 12.87 34.12
CA SER B 323 -1.30 11.81 35.02
C SER B 323 -0.79 10.57 34.28
N SER B 324 -1.52 10.14 33.26
CA SER B 324 -1.16 8.96 32.47
C SER B 324 0.24 9.02 31.85
N GLY B 325 0.76 10.24 31.68
CA GLY B 325 2.10 10.43 31.12
C GLY B 325 2.18 11.22 29.82
N HIS B 326 1.04 11.70 29.34
CA HIS B 326 1.03 12.53 28.13
C HIS B 326 1.49 13.92 28.51
N VAL B 327 2.68 14.27 28.05
CA VAL B 327 3.26 15.57 28.36
C VAL B 327 3.47 16.36 27.08
N ILE B 328 2.96 17.58 27.07
CA ILE B 328 3.04 18.43 25.90
C ILE B 328 3.90 19.67 26.17
N ASN B 329 4.78 19.98 25.24
CA ASN B 329 5.56 21.22 25.30
C ASN B 329 5.44 21.96 23.97
N LEU B 330 4.62 23.00 23.96
CA LEU B 330 4.33 23.74 22.73
C LEU B 330 5.51 24.56 22.21
N ASN B 331 6.55 24.68 23.03
CA ASN B 331 7.77 25.32 22.58
C ASN B 331 8.43 24.52 21.47
N PHE B 332 8.11 23.23 21.40
CA PHE B 332 8.73 22.36 20.42
C PHE B 332 7.75 21.44 19.66
N GLY B 333 6.77 20.88 20.36
CA GLY B 333 5.84 19.97 19.72
C GLY B 333 4.41 20.48 19.72
N THR B 334 3.51 19.66 19.17
CA THR B 334 2.11 19.99 19.11
C THR B 334 1.29 18.85 19.71
N THR B 335 1.99 17.88 20.30
CA THR B 335 1.37 16.69 20.84
C THR B 335 2.22 16.12 21.97
N GLY B 336 1.67 15.17 22.73
CA GLY B 336 2.41 14.50 23.80
C GLY B 336 3.59 13.76 23.21
N ASP B 337 4.76 13.92 23.81
CA ASP B 337 5.97 13.31 23.28
C ASP B 337 6.86 12.73 24.39
N GLY B 338 6.90 11.40 24.48
CA GLY B 338 7.68 10.70 25.50
C GLY B 338 9.18 10.84 25.31
N LEU B 339 9.63 10.69 24.06
CA LEU B 339 11.06 10.84 23.74
C LEU B 339 11.57 12.25 24.02
N PHE B 340 10.84 13.26 23.56
CA PHE B 340 11.25 14.63 23.78
C PHE B 340 11.22 14.99 25.27
N THR B 341 10.21 14.50 25.98
CA THR B 341 10.13 14.73 27.41
C THR B 341 11.32 14.06 28.12
N ALA B 342 11.67 12.84 27.69
CA ALA B 342 12.83 12.15 28.25
C ALA B 342 14.08 12.99 28.17
N ILE B 343 14.31 13.60 27.00
CA ILE B 343 15.50 14.40 26.77
C ILE B 343 15.49 15.66 27.65
N GLN B 344 14.33 16.32 27.75
CA GLN B 344 14.18 17.45 28.68
C GLN B 344 14.58 17.04 30.08
N LEU B 345 13.97 15.97 30.57
CA LEU B 345 14.32 15.42 31.87
C LEU B 345 15.82 15.19 32.04
N LEU B 346 16.45 14.55 31.05
CA LEU B 346 17.89 14.28 31.12
C LEU B 346 18.71 15.56 31.14
N ALA B 347 18.21 16.60 30.46
CA ALA B 347 18.82 17.92 30.46
C ALA B 347 18.71 18.52 31.86
N ILE B 348 17.56 18.32 32.47
CA ILE B 348 17.31 18.78 33.83
C ILE B 348 18.20 18.03 34.83
N PHE B 349 18.26 16.70 34.74
CA PHE B 349 19.07 15.93 35.68
C PHE B 349 20.57 16.22 35.55
N SER B 350 20.95 17.00 34.54
CA SER B 350 22.35 17.37 34.34
C SER B 350 22.71 18.68 35.05
N GLN B 351 21.72 19.34 35.62
CA GLN B 351 21.92 20.65 36.24
C GLN B 351 22.40 20.59 37.67
N ALA B 352 22.14 19.46 38.34
CA ALA B 352 22.53 19.28 39.73
C ALA B 352 23.21 17.95 39.92
N ASP B 353 24.17 17.89 40.84
CA ASP B 353 24.85 16.63 41.16
C ASP B 353 24.13 15.91 42.28
N LYS B 354 22.85 15.59 42.07
CA LYS B 354 22.03 14.89 43.06
C LYS B 354 21.19 13.82 42.36
N PRO B 355 20.77 12.79 43.11
CA PRO B 355 19.98 11.71 42.49
C PRO B 355 18.60 12.16 41.99
N VAL B 356 18.01 11.37 41.09
CA VAL B 356 16.71 11.68 40.50
C VAL B 356 15.60 11.95 41.53
N SER B 357 15.62 11.20 42.63
CA SER B 357 14.62 11.33 43.68
C SER B 357 14.66 12.68 44.41
N GLU B 358 15.74 13.43 44.22
CA GLU B 358 15.85 14.73 44.85
C GLU B 358 15.28 15.85 43.99
N PHE B 359 14.96 15.53 42.74
CA PHE B 359 14.33 16.49 41.82
C PHE B 359 12.82 16.46 41.97
N LYS B 360 12.33 15.32 42.46
CA LYS B 360 10.94 15.03 42.66
C LYS B 360 10.33 15.86 43.77
N LEU B 361 9.04 16.15 43.67
CA LEU B 361 8.34 16.90 44.71
C LEU B 361 8.55 16.17 46.04
N GLN B 362 9.02 16.92 47.04
CA GLN B 362 9.32 16.35 48.34
C GLN B 362 8.07 16.28 49.22
N GLY B 363 8.01 15.28 50.10
CA GLY B 363 6.87 15.10 50.98
C GLY B 363 5.80 14.23 50.36
N GLU B 364 5.15 13.41 51.19
CA GLU B 364 4.15 12.46 50.73
C GLU B 364 3.00 13.12 49.95
N LEU B 365 2.69 12.56 48.79
CA LEU B 365 1.58 13.03 47.95
C LEU B 365 0.27 12.63 48.59
N MSE B 366 -0.80 13.38 48.30
CA MSE B 366 -2.12 13.11 48.82
C MSE B 366 -2.67 11.78 48.31
O MSE B 366 -2.44 11.39 47.17
CB MSE B 366 -3.10 14.22 48.47
CG MSE B 366 -2.79 15.54 49.14
SE MSE B 366 -4.29 16.78 49.08
CE MSE B 366 -3.38 18.35 49.79
N GLN B 367 -3.40 11.09 49.18
CA GLN B 367 -3.97 9.80 48.84
C GLN B 367 -5.44 9.98 48.51
N GLN B 368 -5.96 9.12 47.66
CA GLN B 368 -7.35 9.24 47.20
C GLN B 368 -8.24 8.10 47.69
N THR B 369 -9.48 8.43 48.00
CA THR B 369 -10.50 7.44 48.28
C THR B 369 -11.63 7.64 47.28
N LEU B 370 -11.88 6.62 46.48
CA LEU B 370 -12.93 6.65 45.47
C LEU B 370 -14.01 5.67 45.85
N ILE B 371 -15.25 6.15 45.89
CA ILE B 371 -16.40 5.28 46.16
C ILE B 371 -17.43 5.42 45.05
N ASN B 372 -17.64 4.34 44.32
CA ASN B 372 -18.60 4.31 43.24
C ASN B 372 -20.00 4.07 43.81
N VAL B 373 -20.79 5.14 43.90
CA VAL B 373 -22.15 5.05 44.42
C VAL B 373 -23.09 4.54 43.33
N PRO B 374 -23.63 3.33 43.52
CA PRO B 374 -24.53 2.75 42.52
C PRO B 374 -25.92 3.40 42.57
N LEU B 375 -26.40 3.82 41.40
CA LEU B 375 -27.72 4.42 41.27
C LEU B 375 -28.57 3.56 40.34
N THR B 376 -29.84 3.93 40.21
CA THR B 376 -30.77 3.22 39.34
C THR B 376 -31.35 4.17 38.31
N LYS B 377 -31.10 5.46 38.52
CA LYS B 377 -31.59 6.52 37.64
C LYS B 377 -30.41 7.29 37.05
N LYS B 378 -30.68 8.08 36.01
CA LYS B 378 -29.65 8.85 35.32
C LYS B 378 -29.13 10.00 36.20
N VAL B 379 -28.37 10.93 35.60
CA VAL B 379 -27.77 12.03 36.34
C VAL B 379 -28.29 13.43 35.95
N ALA B 380 -27.46 14.19 35.24
CA ALA B 380 -27.78 15.56 34.80
C ALA B 380 -26.97 16.60 35.59
N ARG B 381 -27.17 17.88 35.25
CA ARG B 381 -26.47 18.98 35.93
C ARG B 381 -27.24 19.48 37.16
N GLU B 382 -28.56 19.51 37.06
CA GLU B 382 -29.42 19.99 38.14
C GLU B 382 -29.44 19.01 39.32
N ASP B 383 -29.11 17.75 39.03
CA ASP B 383 -29.05 16.72 40.07
C ASP B 383 -27.70 16.79 40.80
N LEU B 384 -26.72 17.41 40.15
CA LEU B 384 -25.41 17.62 40.75
C LEU B 384 -25.41 18.86 41.64
N GLN B 385 -26.39 19.73 41.42
CA GLN B 385 -26.52 20.96 42.19
C GLN B 385 -27.26 20.79 43.51
N LYS B 386 -27.85 19.62 43.72
CA LYS B 386 -28.53 19.30 44.98
C LYS B 386 -27.51 19.01 46.08
N VAL B 387 -26.36 18.47 45.69
CA VAL B 387 -25.31 18.12 46.65
C VAL B 387 -24.12 19.08 46.63
N ALA B 388 -24.30 20.22 45.97
CA ALA B 388 -23.24 21.24 45.87
C ALA B 388 -22.87 21.79 47.24
N SER B 389 -23.89 22.10 48.05
CA SER B 389 -23.69 22.65 49.39
C SER B 389 -22.89 21.69 50.28
N ASP B 390 -23.08 20.39 50.07
CA ASP B 390 -22.37 19.39 50.86
C ASP B 390 -20.93 19.18 50.41
N VAL B 391 -20.68 19.38 49.11
CA VAL B 391 -19.32 19.31 48.58
C VAL B 391 -18.52 20.50 49.12
N ASN B 392 -19.15 21.67 49.12
CA ASN B 392 -18.53 22.89 49.62
C ASN B 392 -18.22 22.81 51.10
N ASP B 393 -19.10 22.17 51.87
CA ASP B 393 -18.88 21.98 53.30
C ASP B 393 -17.62 21.15 53.50
N VAL B 394 -17.58 19.99 52.86
CA VAL B 394 -16.41 19.12 52.93
C VAL B 394 -15.12 19.86 52.57
N GLU B 395 -15.14 20.55 51.44
CA GLU B 395 -13.94 21.28 51.01
C GLU B 395 -13.55 22.41 51.96
N LYS B 396 -14.56 23.08 52.52
CA LYS B 396 -14.30 24.14 53.50
C LYS B 396 -13.55 23.58 54.71
N ARG B 397 -13.97 22.41 55.17
CA ARG B 397 -13.37 21.79 56.35
C ARG B 397 -12.02 21.16 56.03
N LEU B 398 -11.84 20.75 54.78
CA LEU B 398 -10.57 20.17 54.34
C LEU B 398 -9.51 21.26 54.15
N GLY B 399 -9.98 22.48 53.88
CA GLY B 399 -9.08 23.59 53.62
C GLY B 399 -8.10 23.25 52.52
N ASN B 400 -6.82 23.43 52.83
CA ASN B 400 -5.71 23.22 51.88
C ASN B 400 -5.19 21.78 51.92
N ARG B 401 -5.82 20.94 52.70
CA ARG B 401 -5.33 19.59 52.95
C ARG B 401 -6.11 18.52 52.19
N GLY B 402 -6.97 18.94 51.28
CA GLY B 402 -7.77 17.98 50.51
C GLY B 402 -8.83 18.63 49.63
N ARG B 403 -9.49 17.82 48.82
CA ARG B 403 -10.49 18.31 47.88
C ARG B 403 -11.49 17.22 47.50
N VAL B 404 -12.53 17.62 46.77
CA VAL B 404 -13.58 16.71 46.35
C VAL B 404 -13.76 16.74 44.84
N LEU B 405 -13.99 15.56 44.27
CA LEU B 405 -14.28 15.45 42.85
C LEU B 405 -15.49 14.54 42.63
N LEU B 406 -16.57 15.14 42.14
CA LEU B 406 -17.78 14.39 41.79
C LEU B 406 -17.95 14.30 40.29
N ARG B 407 -18.02 13.09 39.76
CA ARG B 407 -18.22 12.90 38.34
C ARG B 407 -19.20 11.76 38.03
N PRO B 408 -20.12 12.01 37.09
CA PRO B 408 -21.08 11.00 36.64
C PRO B 408 -20.43 10.08 35.60
N SER B 409 -21.09 8.97 35.28
CA SER B 409 -20.55 8.03 34.31
C SER B 409 -21.07 8.28 32.90
N GLY B 410 -22.30 8.81 32.81
CA GLY B 410 -22.89 9.12 31.52
C GLY B 410 -23.34 7.89 30.74
N THR B 411 -22.49 6.87 30.75
CA THR B 411 -22.78 5.61 30.06
C THR B 411 -23.51 4.62 30.98
N GLU B 412 -23.57 4.95 32.27
CA GLU B 412 -24.21 4.10 33.26
C GLU B 412 -24.65 4.91 34.48
N PRO B 413 -25.75 4.51 35.13
CA PRO B 413 -26.27 5.22 36.30
C PRO B 413 -25.36 5.05 37.52
N VAL B 414 -24.19 5.67 37.49
CA VAL B 414 -23.21 5.56 38.57
C VAL B 414 -22.54 6.89 38.85
N LEU B 415 -22.52 7.30 40.12
CA LEU B 415 -21.82 8.52 40.52
C LEU B 415 -20.52 8.18 41.25
N ARG B 416 -19.40 8.64 40.71
CA ARG B 416 -18.10 8.40 41.33
C ARG B 416 -17.77 9.54 42.29
N VAL B 417 -17.74 9.24 43.58
CA VAL B 417 -17.39 10.24 44.59
C VAL B 417 -15.95 10.03 45.07
N MSE B 418 -15.12 11.03 44.83
CA MSE B 418 -13.72 10.96 45.24
C MSE B 418 -13.37 12.09 46.18
O MSE B 418 -13.86 13.21 46.04
CB MSE B 418 -12.78 10.97 44.03
CG MSE B 418 -11.31 10.77 44.38
SE MSE B 418 -10.08 10.82 42.87
CE MSE B 418 -10.17 12.73 42.47
N VAL B 419 -12.52 11.79 47.16
CA VAL B 419 -11.95 12.79 48.03
C VAL B 419 -10.47 12.48 48.15
N GLU B 420 -9.62 13.45 47.82
CA GLU B 420 -8.19 13.27 48.05
C GLU B 420 -7.70 14.22 49.14
N ALA B 421 -6.81 13.73 50.00
CA ALA B 421 -6.37 14.49 51.15
C ALA B 421 -4.99 14.04 51.63
N ASP B 422 -4.36 14.87 52.45
CA ASP B 422 -3.09 14.53 53.07
C ASP B 422 -3.24 13.31 53.97
N ASP B 423 -4.42 13.19 54.58
CA ASP B 423 -4.72 12.12 55.52
C ASP B 423 -5.75 11.17 54.92
N LYS B 424 -5.29 10.00 54.47
CA LYS B 424 -6.18 9.01 53.83
C LYS B 424 -7.35 8.60 54.73
N SER B 425 -7.07 8.47 56.02
CA SER B 425 -8.11 8.17 56.99
C SER B 425 -9.24 9.18 56.85
N LEU B 426 -8.85 10.42 56.56
CA LEU B 426 -9.78 11.54 56.43
C LEU B 426 -10.41 11.57 55.04
N ALA B 427 -9.66 11.11 54.04
CA ALA B 427 -10.19 11.05 52.68
C ALA B 427 -11.35 10.04 52.62
N THR B 428 -11.15 8.89 53.27
CA THR B 428 -12.19 7.87 53.32
C THR B 428 -13.39 8.29 54.17
N ASN B 429 -13.13 9.04 55.23
CA ASN B 429 -14.19 9.56 56.10
C ASN B 429 -15.16 10.48 55.36
N GLU B 430 -14.62 11.49 54.68
CA GLU B 430 -15.43 12.48 53.98
C GLU B 430 -16.08 11.93 52.73
N ALA B 431 -15.42 10.95 52.10
CA ALA B 431 -16.00 10.27 50.94
C ALA B 431 -17.27 9.53 51.35
N GLU B 432 -17.19 8.76 52.43
CA GLU B 432 -18.36 8.06 52.98
C GLU B 432 -19.46 9.05 53.40
N TYR B 433 -19.05 10.24 53.88
CA TYR B 433 -20.02 11.26 54.26
C TYR B 433 -20.80 11.75 53.04
N LEU B 434 -20.07 12.07 51.97
CA LEU B 434 -20.70 12.52 50.71
C LEU B 434 -21.58 11.45 50.08
N VAL B 435 -21.13 10.19 50.15
CA VAL B 435 -21.91 9.06 49.65
C VAL B 435 -23.30 9.03 50.27
N GLU B 436 -23.38 9.31 51.57
CA GLU B 436 -24.65 9.31 52.30
C GLU B 436 -25.53 10.49 51.92
N LYS B 437 -24.89 11.64 51.68
CA LYS B 437 -25.61 12.86 51.32
C LYS B 437 -26.27 12.76 49.94
N VAL B 438 -25.62 12.06 49.02
CA VAL B 438 -26.17 11.90 47.67
C VAL B 438 -27.36 10.93 47.66
N LYS B 439 -27.31 9.92 48.52
CA LYS B 439 -28.43 8.98 48.63
C LYS B 439 -29.66 9.69 49.20
N GLN B 440 -29.41 10.64 50.11
CA GLN B 440 -30.49 11.43 50.71
C GLN B 440 -31.05 12.45 49.73
N LYS B 441 -30.17 13.02 48.91
CA LYS B 441 -30.55 14.07 47.96
C LYS B 441 -31.05 13.53 46.62
N LEU B 442 -30.67 12.29 46.31
CA LEU B 442 -31.06 11.67 45.04
C LEU B 442 -31.66 10.28 45.24
ZN ZN C . 0.25 -6.49 -23.60
ZN ZN D . 0.09 6.46 23.61
#